data_5NNL
#
_entry.id   5NNL
#
_cell.length_a   100.771
_cell.length_b   109.177
_cell.length_c   58.314
_cell.angle_alpha   90.00
_cell.angle_beta   90.00
_cell.angle_gamma   90.00
#
_symmetry.space_group_name_H-M   'P 21 21 2'
#
loop_
_entity.id
_entity.type
_entity.pdbx_description
1 polymer 'Inactive dihydroorotase-like domain'
2 water water
#
_entity_poly.entity_id   1
_entity_poly.type   'polypeptide(L)'
_entity_poly.pdbx_seq_one_letter_code
;HRTIQLPGLINIAAFVPGLVTRDSEDLQRVTQASIAAGYSMIRIMPVSKDGSISDVKSLKVAQQNSKRGVYCDFNLSITA
TSDNANQISSVAGEVGSLFIPFNHLSDNISKVTQVEAHFDAWPKHKPIITDARTTDLASILLLASLHNRRIHVSAVTTKD
DIKLITLGKQKGLKVTCDVCVYSLFLSQKDCPGCHFLPTPEDQEALWEHLPIIDVFSIGSLPYQLAHFLKKEADVTVGIA
DALPLLLTAVVDGRLTVDYVKTRLHDNPKEIFELHDQVGATVEIELDRAFAVPTEGVWSPFAGKVLKGVVQRVTFQDQVA
CLDGVFQPIPPKGADMSTYGAL
;
_entity_poly.pdbx_strand_id   A,B
#
# COMPACT_ATOMS: atom_id res chain seq x y z
N HIS A 1 -40.78 0.21 31.38
CA HIS A 1 -40.05 -0.76 30.56
C HIS A 1 -40.03 -0.31 29.10
N ARG A 2 -38.87 0.09 28.62
CA ARG A 2 -38.72 0.56 27.25
C ARG A 2 -38.74 -0.62 26.28
N THR A 3 -39.58 -0.52 25.25
CA THR A 3 -39.65 -1.50 24.17
C THR A 3 -39.42 -0.78 22.84
N ILE A 4 -38.65 -1.41 21.96
CA ILE A 4 -38.39 -0.87 20.63
C ILE A 4 -38.62 -1.96 19.60
N GLN A 5 -39.16 -1.58 18.44
CA GLN A 5 -39.40 -2.48 17.34
CA GLN A 5 -39.40 -2.48 17.34
C GLN A 5 -38.34 -2.24 16.27
N LEU A 6 -37.58 -3.26 15.93
CA LEU A 6 -36.56 -3.17 14.91
C LEU A 6 -36.86 -4.15 13.78
N PRO A 7 -36.41 -3.86 12.57
CA PRO A 7 -36.46 -4.87 11.51
C PRO A 7 -35.46 -5.97 11.79
N GLY A 8 -35.59 -7.06 11.03
CA GLY A 8 -34.61 -8.12 11.11
C GLY A 8 -33.22 -7.58 10.91
N LEU A 9 -32.27 -7.99 11.74
CA LEU A 9 -30.94 -7.42 11.73
C LEU A 9 -30.00 -8.26 10.87
N ILE A 10 -28.83 -7.69 10.59
CA ILE A 10 -27.89 -8.23 9.62
C ILE A 10 -26.52 -8.31 10.26
N ASN A 11 -25.91 -9.49 10.21
CA ASN A 11 -24.52 -9.70 10.62
C ASN A 11 -23.73 -10.05 9.36
N ILE A 12 -22.86 -9.14 8.93
CA ILE A 12 -22.10 -9.36 7.70
C ILE A 12 -20.88 -10.25 7.87
N ALA A 13 -20.67 -10.83 9.05
CA ALA A 13 -19.52 -11.70 9.27
C ALA A 13 -19.93 -12.71 10.36
N ALA A 14 -20.50 -13.83 9.92
CA ALA A 14 -20.85 -14.93 10.82
C ALA A 14 -19.83 -16.04 10.61
N PHE A 15 -19.10 -16.38 11.66
CA PHE A 15 -18.06 -17.38 11.58
C PHE A 15 -18.65 -18.78 11.74
N VAL A 16 -18.28 -19.67 10.84
CA VAL A 16 -18.79 -21.04 10.85
C VAL A 16 -17.60 -22.00 10.84
N PRO A 17 -17.20 -22.54 12.00
CA PRO A 17 -16.02 -23.43 12.03
C PRO A 17 -16.04 -24.54 11.00
N GLY A 18 -17.11 -25.34 10.95
CA GLY A 18 -17.18 -26.44 10.02
C GLY A 18 -17.89 -26.10 8.73
N LEU A 19 -17.67 -24.89 8.24
CA LEU A 19 -18.33 -24.45 7.01
C LEU A 19 -18.05 -25.40 5.86
N VAL A 20 -16.79 -25.79 5.68
CA VAL A 20 -16.38 -26.62 4.56
C VAL A 20 -16.11 -28.06 5.00
N THR A 21 -16.60 -28.44 6.17
CA THR A 21 -16.58 -29.84 6.59
C THR A 21 -17.77 -30.58 6.02
N ARG A 22 -17.54 -31.79 5.55
CA ARG A 22 -18.61 -32.61 5.00
C ARG A 22 -19.65 -32.93 6.06
N ASP A 23 -20.91 -32.69 5.74
CA ASP A 23 -22.03 -33.04 6.62
C ASP A 23 -21.89 -32.41 8.00
N SER A 24 -21.54 -31.14 8.03
CA SER A 24 -21.36 -30.43 9.29
C SER A 24 -22.64 -29.68 9.65
N GLU A 25 -23.05 -29.80 10.92
CA GLU A 25 -24.22 -29.08 11.41
CA GLU A 25 -24.21 -29.08 11.42
C GLU A 25 -23.90 -27.62 11.74
N ASP A 26 -22.64 -27.21 11.65
CA ASP A 26 -22.23 -25.88 12.10
C ASP A 26 -23.06 -24.76 11.46
N LEU A 27 -23.16 -24.76 10.13
CA LEU A 27 -23.89 -23.69 9.47
C LEU A 27 -25.32 -23.59 9.98
N GLN A 28 -26.04 -24.72 10.02
CA GLN A 28 -27.40 -24.71 10.56
C GLN A 28 -27.44 -24.10 11.95
N ARG A 29 -26.61 -24.61 12.86
CA ARG A 29 -26.68 -24.15 14.24
CA ARG A 29 -26.67 -24.16 14.25
C ARG A 29 -26.37 -22.66 14.35
N VAL A 30 -25.45 -22.16 13.52
CA VAL A 30 -25.17 -20.72 13.54
C VAL A 30 -26.40 -19.93 13.14
N THR A 31 -27.17 -20.43 12.17
CA THR A 31 -28.39 -19.74 11.78
C THR A 31 -29.44 -19.81 12.88
N GLN A 32 -29.40 -20.85 13.72
CA GLN A 32 -30.30 -20.93 14.87
C GLN A 32 -30.00 -19.82 15.87
N ALA A 33 -28.76 -19.77 16.34
CA ALA A 33 -28.37 -18.75 17.30
C ALA A 33 -28.51 -17.35 16.71
N SER A 34 -28.34 -17.21 15.40
CA SER A 34 -28.49 -15.91 14.77
C SER A 34 -29.93 -15.42 14.86
N ILE A 35 -30.89 -16.24 14.39
CA ILE A 35 -32.28 -15.80 14.40
C ILE A 35 -32.75 -15.57 15.83
N ALA A 36 -32.27 -16.39 16.77
CA ALA A 36 -32.63 -16.20 18.17
C ALA A 36 -32.09 -14.87 18.72
N ALA A 37 -31.01 -14.35 18.13
CA ALA A 37 -30.44 -13.09 18.57
C ALA A 37 -31.02 -11.90 17.82
N GLY A 38 -31.86 -12.12 16.81
CA GLY A 38 -32.47 -11.05 16.06
C GLY A 38 -31.89 -10.85 14.66
N TYR A 39 -30.96 -11.69 14.24
CA TYR A 39 -30.35 -11.56 12.92
C TYR A 39 -31.09 -12.47 11.95
N SER A 40 -31.87 -11.87 11.04
CA SER A 40 -32.60 -12.61 10.02
C SER A 40 -31.80 -12.75 8.73
N MET A 41 -30.61 -12.15 8.65
CA MET A 41 -29.75 -12.24 7.47
C MET A 41 -28.31 -12.17 7.92
N ILE A 42 -27.50 -13.13 7.49
CA ILE A 42 -26.10 -13.19 7.86
C ILE A 42 -25.27 -13.51 6.63
N ARG A 43 -24.12 -12.85 6.50
CA ARG A 43 -23.10 -13.23 5.54
C ARG A 43 -22.14 -14.19 6.22
N ILE A 44 -21.90 -15.33 5.58
CA ILE A 44 -21.04 -16.36 6.13
C ILE A 44 -19.60 -16.05 5.77
N MET A 45 -18.73 -16.01 6.77
CA MET A 45 -17.32 -15.73 6.54
C MET A 45 -16.70 -16.88 5.75
N PRO A 46 -16.13 -16.64 4.57
CA PRO A 46 -15.61 -17.75 3.77
C PRO A 46 -14.44 -18.49 4.41
N VAL A 47 -13.76 -17.89 5.38
CA VAL A 47 -12.64 -18.53 6.07
C VAL A 47 -13.17 -19.15 7.36
N SER A 48 -13.00 -20.46 7.50
CA SER A 48 -13.50 -21.18 8.66
C SER A 48 -12.33 -21.71 9.49
N LYS A 49 -12.59 -22.70 10.35
CA LYS A 49 -11.59 -23.15 11.32
C LYS A 49 -10.30 -23.61 10.63
N ASP A 50 -10.38 -24.69 9.85
CA ASP A 50 -9.21 -25.25 9.17
C ASP A 50 -9.49 -25.41 7.69
N GLY A 51 -10.15 -24.43 7.10
CA GLY A 51 -10.46 -24.47 5.68
C GLY A 51 -11.05 -23.15 5.25
N SER A 52 -11.50 -23.12 4.00
CA SER A 52 -12.09 -21.91 3.45
C SER A 52 -12.81 -22.23 2.16
N ILE A 53 -13.75 -21.36 1.80
CA ILE A 53 -14.35 -21.37 0.47
C ILE A 53 -13.36 -20.67 -0.45
N SER A 54 -12.58 -21.46 -1.20
CA SER A 54 -11.53 -20.95 -2.07
C SER A 54 -11.61 -21.44 -3.50
N ASP A 55 -12.49 -22.39 -3.82
CA ASP A 55 -12.61 -22.91 -5.18
C ASP A 55 -14.03 -23.43 -5.38
N VAL A 56 -14.27 -24.07 -6.52
CA VAL A 56 -15.59 -24.59 -6.84
C VAL A 56 -15.96 -25.72 -5.89
N LYS A 57 -15.03 -26.65 -5.67
CA LYS A 57 -15.31 -27.76 -4.75
C LYS A 57 -15.71 -27.26 -3.38
N SER A 58 -14.98 -26.28 -2.85
CA SER A 58 -15.25 -25.78 -1.49
C SER A 58 -16.63 -25.15 -1.42
N LEU A 59 -16.99 -24.34 -2.41
CA LEU A 59 -18.31 -23.73 -2.43
C LEU A 59 -19.41 -24.77 -2.30
N LYS A 60 -19.28 -25.89 -3.01
CA LYS A 60 -20.36 -26.88 -3.04
C LYS A 60 -20.53 -27.57 -1.69
N VAL A 61 -19.42 -27.85 -1.00
CA VAL A 61 -19.52 -28.44 0.34
C VAL A 61 -20.28 -27.49 1.27
N ALA A 62 -19.95 -26.20 1.22
CA ALA A 62 -20.69 -25.22 2.02
C ALA A 62 -22.15 -25.20 1.61
N GLN A 63 -22.44 -25.27 0.32
CA GLN A 63 -23.81 -25.23 -0.15
C GLN A 63 -24.59 -26.47 0.32
N GLN A 64 -23.97 -27.64 0.26
CA GLN A 64 -24.63 -28.85 0.73
C GLN A 64 -24.99 -28.75 2.20
N ASN A 65 -24.09 -28.17 3.02
CA ASN A 65 -24.35 -28.05 4.45
C ASN A 65 -25.55 -27.16 4.75
N SER A 66 -26.07 -26.42 3.78
CA SER A 66 -27.27 -25.64 3.96
C SER A 66 -28.54 -26.40 3.60
N LYS A 67 -28.41 -27.56 2.94
CA LYS A 67 -29.57 -28.26 2.40
C LYS A 67 -30.42 -28.88 3.51
N ARG A 68 -29.81 -29.22 4.65
CA ARG A 68 -30.56 -29.71 5.80
C ARG A 68 -31.45 -28.64 6.43
N GLY A 69 -31.48 -27.42 5.89
CA GLY A 69 -32.37 -26.39 6.38
C GLY A 69 -31.70 -25.37 7.28
N VAL A 70 -31.96 -24.09 7.05
CA VAL A 70 -31.42 -23.01 7.86
C VAL A 70 -32.58 -22.20 8.44
N TYR A 71 -32.28 -21.46 9.50
CA TYR A 71 -33.29 -20.75 10.26
C TYR A 71 -33.20 -19.23 10.10
N CYS A 72 -32.27 -18.75 9.28
CA CYS A 72 -32.28 -17.38 8.81
C CYS A 72 -31.81 -17.40 7.36
N ASP A 73 -31.96 -16.28 6.67
CA ASP A 73 -31.41 -16.17 5.32
C ASP A 73 -29.92 -15.88 5.40
N PHE A 74 -29.21 -16.22 4.31
CA PHE A 74 -27.76 -16.09 4.35
C PHE A 74 -27.21 -15.94 2.93
N ASN A 75 -26.00 -15.39 2.88
CA ASN A 75 -25.21 -15.31 1.66
C ASN A 75 -23.88 -16.01 1.93
N LEU A 76 -23.39 -16.74 0.94
CA LEU A 76 -22.03 -17.25 1.01
C LEU A 76 -21.07 -16.22 0.43
N SER A 77 -19.78 -16.48 0.63
CA SER A 77 -18.73 -15.61 0.12
C SER A 77 -17.57 -16.53 -0.25
N ILE A 78 -16.55 -15.94 -0.90
CA ILE A 78 -15.43 -16.71 -1.39
C ILE A 78 -14.12 -15.96 -1.12
N THR A 79 -13.09 -16.71 -0.77
CA THR A 79 -11.79 -16.16 -0.41
C THR A 79 -10.88 -16.05 -1.62
N ALA A 80 -10.17 -14.93 -1.71
CA ALA A 80 -9.18 -14.75 -2.76
C ALA A 80 -7.87 -15.42 -2.36
N THR A 81 -7.14 -15.91 -3.35
CA THR A 81 -5.81 -16.48 -3.17
C THR A 81 -4.93 -15.96 -4.29
N SER A 82 -3.74 -16.55 -4.39
CA SER A 82 -2.75 -16.08 -5.37
C SER A 82 -3.16 -16.43 -6.80
N ASP A 83 -3.78 -17.59 -7.01
CA ASP A 83 -4.13 -18.08 -8.34
C ASP A 83 -5.64 -18.32 -8.48
N ASN A 84 -6.45 -17.64 -7.66
CA ASN A 84 -7.89 -17.87 -7.59
C ASN A 84 -8.69 -17.06 -8.59
N ALA A 85 -8.22 -15.86 -8.96
CA ALA A 85 -9.08 -14.88 -9.61
C ALA A 85 -9.89 -15.46 -10.75
N ASN A 86 -9.41 -16.53 -11.37
CA ASN A 86 -10.07 -17.10 -12.54
CA ASN A 86 -10.07 -17.10 -12.54
C ASN A 86 -11.32 -17.89 -12.15
N GLN A 87 -11.15 -18.94 -11.34
CA GLN A 87 -12.27 -19.82 -11.05
C GLN A 87 -13.34 -19.13 -10.21
N ILE A 88 -12.93 -18.28 -9.25
CA ILE A 88 -13.93 -17.67 -8.38
C ILE A 88 -14.79 -16.69 -9.18
N SER A 89 -14.27 -16.14 -10.27
CA SER A 89 -15.05 -15.21 -11.09
C SER A 89 -16.16 -15.94 -11.86
N SER A 90 -15.92 -17.16 -12.31
CA SER A 90 -16.94 -17.91 -13.03
C SER A 90 -18.10 -18.34 -12.13
N VAL A 91 -18.00 -18.08 -10.82
CA VAL A 91 -18.95 -18.53 -9.82
C VAL A 91 -19.50 -17.36 -9.01
N ALA A 92 -19.22 -16.13 -9.45
CA ALA A 92 -19.59 -14.95 -8.67
C ALA A 92 -21.09 -14.89 -8.40
N GLY A 93 -21.91 -15.41 -9.31
CA GLY A 93 -23.35 -15.34 -9.15
C GLY A 93 -23.89 -16.19 -8.02
N GLU A 94 -23.10 -17.13 -7.51
CA GLU A 94 -23.51 -17.99 -6.42
C GLU A 94 -23.13 -17.46 -5.04
N VAL A 95 -22.25 -16.44 -4.97
CA VAL A 95 -21.86 -15.83 -3.71
C VAL A 95 -22.25 -14.36 -3.76
N GLY A 96 -22.17 -13.72 -2.60
CA GLY A 96 -22.58 -12.33 -2.48
C GLY A 96 -21.44 -11.35 -2.28
N SER A 97 -20.20 -11.85 -2.21
CA SER A 97 -19.07 -10.99 -1.93
C SER A 97 -17.77 -11.74 -2.12
N LEU A 98 -16.71 -10.98 -2.34
CA LEU A 98 -15.35 -11.51 -2.42
C LEU A 98 -14.55 -11.05 -1.21
N PHE A 99 -13.95 -11.99 -0.50
CA PHE A 99 -13.10 -11.70 0.64
C PHE A 99 -11.63 -11.80 0.24
N ILE A 100 -10.88 -10.75 0.46
CA ILE A 100 -9.47 -10.68 0.11
C ILE A 100 -8.66 -10.53 1.38
N PRO A 101 -8.14 -11.61 1.94
CA PRO A 101 -7.12 -11.50 2.99
C PRO A 101 -5.73 -11.51 2.38
N PHE A 102 -4.81 -10.82 3.05
CA PHE A 102 -3.45 -10.73 2.53
C PHE A 102 -2.53 -11.84 3.03
N ASN A 103 -2.94 -12.61 4.03
CA ASN A 103 -2.14 -13.74 4.50
C ASN A 103 -2.30 -14.96 3.60
N HIS A 104 -3.29 -14.98 2.72
CA HIS A 104 -3.47 -16.07 1.76
C HIS A 104 -2.57 -15.95 0.54
N LEU A 105 -1.87 -14.83 0.38
CA LEU A 105 -1.24 -14.49 -0.88
C LEU A 105 0.23 -14.91 -0.88
N SER A 106 0.75 -15.08 -2.09
CA SER A 106 2.10 -15.58 -2.28
C SER A 106 3.13 -14.48 -2.04
N ASP A 107 4.32 -14.90 -1.58
CA ASP A 107 5.45 -14.00 -1.45
C ASP A 107 6.31 -13.96 -2.70
N ASN A 108 6.02 -14.81 -3.69
CA ASN A 108 6.83 -14.87 -4.90
C ASN A 108 6.62 -13.66 -5.80
N ILE A 109 5.52 -12.94 -5.66
CA ILE A 109 5.15 -11.89 -6.58
C ILE A 109 4.42 -10.80 -5.81
N SER A 110 4.49 -9.58 -6.33
CA SER A 110 3.85 -8.44 -5.67
C SER A 110 2.42 -8.77 -5.28
N LYS A 111 2.15 -8.72 -3.98
CA LYS A 111 0.79 -8.90 -3.51
C LYS A 111 -0.16 -7.85 -4.08
N VAL A 112 0.37 -6.70 -4.50
CA VAL A 112 -0.44 -5.74 -5.24
C VAL A 112 -0.93 -6.36 -6.55
N THR A 113 -0.02 -6.98 -7.29
CA THR A 113 -0.38 -7.61 -8.55
C THR A 113 -1.44 -8.69 -8.32
N GLN A 114 -1.23 -9.55 -7.33
CA GLN A 114 -2.18 -10.64 -7.08
C GLN A 114 -3.57 -10.11 -6.77
N VAL A 115 -3.65 -9.04 -5.97
CA VAL A 115 -4.95 -8.46 -5.67
C VAL A 115 -5.53 -7.78 -6.89
N GLU A 116 -4.67 -7.14 -7.70
CA GLU A 116 -5.14 -6.48 -8.91
C GLU A 116 -5.85 -7.46 -9.84
N ALA A 117 -5.38 -8.71 -9.90
CA ALA A 117 -6.00 -9.71 -10.76
C ALA A 117 -7.47 -9.90 -10.40
N HIS A 118 -7.75 -10.07 -9.10
CA HIS A 118 -9.14 -10.20 -8.66
C HIS A 118 -9.94 -8.96 -8.99
N PHE A 119 -9.37 -7.77 -8.77
CA PHE A 119 -10.06 -6.54 -9.13
C PHE A 119 -10.38 -6.49 -10.62
N ASP A 120 -9.55 -7.11 -11.45
CA ASP A 120 -9.82 -7.19 -12.89
C ASP A 120 -10.86 -8.26 -13.23
N ALA A 121 -10.91 -9.35 -12.47
CA ALA A 121 -11.76 -10.49 -12.79
C ALA A 121 -13.10 -10.47 -12.06
N TRP A 122 -13.26 -9.64 -11.03
CA TRP A 122 -14.46 -9.68 -10.21
C TRP A 122 -15.43 -8.58 -10.64
N PRO A 123 -16.74 -8.86 -10.67
CA PRO A 123 -17.70 -7.83 -11.13
C PRO A 123 -17.60 -6.56 -10.31
N LYS A 124 -17.67 -5.42 -11.00
CA LYS A 124 -17.44 -4.12 -10.36
C LYS A 124 -18.53 -3.77 -9.37
N HIS A 125 -19.75 -4.26 -9.57
CA HIS A 125 -20.87 -3.96 -8.69
C HIS A 125 -21.16 -5.07 -7.69
N LYS A 126 -20.25 -6.03 -7.54
CA LYS A 126 -20.37 -7.06 -6.50
C LYS A 126 -19.41 -6.76 -5.36
N PRO A 127 -19.87 -6.75 -4.11
CA PRO A 127 -19.02 -6.26 -3.02
C PRO A 127 -17.69 -7.00 -2.88
N ILE A 128 -16.67 -6.25 -2.46
CA ILE A 128 -15.38 -6.80 -2.07
C ILE A 128 -15.10 -6.40 -0.64
N ILE A 129 -14.63 -7.35 0.16
CA ILE A 129 -14.39 -7.15 1.58
C ILE A 129 -12.98 -7.63 1.91
N THR A 130 -12.28 -6.90 2.77
CA THR A 130 -10.92 -7.22 3.13
C THR A 130 -10.70 -6.95 4.63
N ASP A 131 -9.76 -7.70 5.20
CA ASP A 131 -9.27 -7.44 6.56
C ASP A 131 -7.86 -6.88 6.56
N ALA A 132 -7.43 -6.28 5.44
CA ALA A 132 -6.07 -5.77 5.31
C ALA A 132 -5.81 -4.69 6.37
N ARG A 133 -4.54 -4.59 6.78
CA ARG A 133 -4.09 -3.59 7.72
C ARG A 133 -2.94 -2.80 7.12
N THR A 134 -2.68 -1.64 7.74
CA THR A 134 -1.53 -0.78 7.43
C THR A 134 -1.24 -0.74 5.94
N THR A 135 -0.05 -1.22 5.54
CA THR A 135 0.37 -1.04 4.15
C THR A 135 -0.44 -1.91 3.20
N ASP A 136 -0.85 -3.11 3.64
CA ASP A 136 -1.78 -3.89 2.83
C ASP A 136 -3.10 -3.15 2.64
N LEU A 137 -3.59 -2.53 3.71
CA LEU A 137 -4.83 -1.76 3.61
C LEU A 137 -4.69 -0.62 2.61
N ALA A 138 -3.64 0.18 2.74
CA ALA A 138 -3.42 1.27 1.80
C ALA A 138 -3.29 0.75 0.37
N SER A 139 -2.75 -0.45 0.20
CA SER A 139 -2.58 -1.02 -1.14
C SER A 139 -3.91 -1.34 -1.79
N ILE A 140 -4.82 -1.97 -1.04
CA ILE A 140 -6.11 -2.33 -1.62
C ILE A 140 -7.00 -1.10 -1.74
N LEU A 141 -6.81 -0.09 -0.88
CA LEU A 141 -7.54 1.17 -1.03
C LEU A 141 -7.11 1.91 -2.28
N LEU A 142 -5.82 1.83 -2.64
CA LEU A 142 -5.37 2.43 -3.89
C LEU A 142 -6.06 1.78 -5.08
N LEU A 143 -6.12 0.45 -5.08
CA LEU A 143 -6.74 -0.27 -6.20
C LEU A 143 -8.22 0.07 -6.33
N ALA A 144 -8.94 0.12 -5.20
CA ALA A 144 -10.34 0.51 -5.25
C ALA A 144 -10.50 1.89 -5.86
N SER A 145 -9.60 2.81 -5.52
CA SER A 145 -9.64 4.15 -6.10
C SER A 145 -9.30 4.13 -7.58
N LEU A 146 -8.31 3.32 -7.98
CA LEU A 146 -7.90 3.29 -9.38
C LEU A 146 -8.92 2.59 -10.26
N HIS A 147 -9.71 1.68 -9.71
CA HIS A 147 -10.80 1.07 -10.46
C HIS A 147 -12.13 1.77 -10.22
N ASN A 148 -12.14 2.84 -9.43
CA ASN A 148 -13.34 3.58 -9.10
C ASN A 148 -14.49 2.64 -8.73
N ARG A 149 -14.23 1.77 -7.76
CA ARG A 149 -15.23 0.84 -7.26
C ARG A 149 -15.19 0.85 -5.73
N ARG A 150 -16.08 0.08 -5.12
CA ARG A 150 -16.26 0.07 -3.68
C ARG A 150 -15.33 -0.93 -3.02
N ILE A 151 -14.95 -0.65 -1.77
CA ILE A 151 -14.19 -1.56 -0.95
C ILE A 151 -14.70 -1.45 0.49
N HIS A 152 -14.81 -2.60 1.16
CA HIS A 152 -15.25 -2.66 2.54
C HIS A 152 -14.16 -3.29 3.39
N VAL A 153 -13.81 -2.62 4.49
CA VAL A 153 -12.75 -3.07 5.38
C VAL A 153 -13.38 -3.61 6.66
N SER A 154 -13.01 -4.83 7.03
CA SER A 154 -13.67 -5.55 8.10
C SER A 154 -12.78 -5.64 9.34
N ALA A 155 -13.43 -5.72 10.49
CA ALA A 155 -12.76 -5.94 11.78
C ALA A 155 -11.64 -4.92 12.00
N VAL A 156 -11.93 -3.65 11.72
CA VAL A 156 -10.98 -2.59 12.02
C VAL A 156 -10.75 -2.56 13.53
N THR A 157 -9.47 -2.43 13.92
CA THR A 157 -9.08 -2.51 15.32
C THR A 157 -8.15 -1.40 15.78
N THR A 158 -7.43 -0.72 14.89
CA THR A 158 -6.38 0.20 15.29
C THR A 158 -6.75 1.65 14.99
N LYS A 159 -6.18 2.55 15.79
CA LYS A 159 -6.25 3.98 15.52
C LYS A 159 -5.71 4.30 14.14
N ASP A 160 -4.54 3.74 13.82
CA ASP A 160 -3.90 4.02 12.53
C ASP A 160 -4.82 3.69 11.37
N ASP A 161 -5.48 2.52 11.41
CA ASP A 161 -6.30 2.10 10.28
C ASP A 161 -7.57 2.93 10.17
N ILE A 162 -8.23 3.22 11.30
CA ILE A 162 -9.47 3.97 11.21
C ILE A 162 -9.22 5.39 10.74
N LYS A 163 -8.05 5.96 11.06
CA LYS A 163 -7.72 7.30 10.60
C LYS A 163 -7.39 7.31 9.12
N LEU A 164 -6.77 6.26 8.60
CA LEU A 164 -6.55 6.17 7.16
C LEU A 164 -7.87 6.05 6.43
N ILE A 165 -8.81 5.28 6.98
CA ILE A 165 -10.13 5.16 6.36
C ILE A 165 -10.84 6.50 6.39
N THR A 166 -10.73 7.23 7.51
CA THR A 166 -11.30 8.57 7.58
C THR A 166 -10.77 9.44 6.45
N LEU A 167 -9.45 9.42 6.23
CA LEU A 167 -8.87 10.24 5.18
C LEU A 167 -9.37 9.82 3.81
N GLY A 168 -9.45 8.50 3.55
CA GLY A 168 -9.99 8.05 2.28
C GLY A 168 -11.41 8.54 2.07
N LYS A 169 -12.24 8.49 3.11
CA LYS A 169 -13.63 8.91 2.97
C LYS A 169 -13.72 10.39 2.61
N GLN A 170 -12.90 11.23 3.24
CA GLN A 170 -13.02 12.67 3.00
C GLN A 170 -12.66 13.03 1.56
N LYS A 171 -11.80 12.24 0.92
CA LYS A 171 -11.41 12.49 -0.46
C LYS A 171 -12.28 11.75 -1.47
N GLY A 172 -13.43 11.24 -1.03
CA GLY A 172 -14.40 10.63 -1.93
C GLY A 172 -14.12 9.18 -2.28
N LEU A 173 -13.09 8.57 -1.71
CA LEU A 173 -12.83 7.16 -1.96
C LEU A 173 -13.99 6.31 -1.47
N LYS A 174 -14.44 5.36 -2.31
CA LYS A 174 -15.63 4.56 -2.00
C LYS A 174 -15.27 3.44 -1.03
N VAL A 175 -15.02 3.81 0.23
CA VAL A 175 -14.64 2.86 1.26
C VAL A 175 -15.66 2.89 2.38
N THR A 176 -16.00 1.71 2.89
CA THR A 176 -16.77 1.56 4.11
C THR A 176 -16.04 0.58 5.02
N CYS A 177 -16.46 0.48 6.28
CA CYS A 177 -15.77 -0.40 7.20
C CYS A 177 -16.69 -0.85 8.32
N ASP A 178 -16.27 -1.90 9.02
CA ASP A 178 -16.95 -2.36 10.22
C ASP A 178 -15.92 -2.62 11.31
N VAL A 179 -16.42 -2.69 12.54
CA VAL A 179 -15.66 -3.20 13.68
C VAL A 179 -16.47 -4.33 14.29
N CYS A 180 -15.76 -5.31 14.82
CA CYS A 180 -16.42 -6.34 15.60
C CYS A 180 -16.88 -5.77 16.93
N VAL A 181 -18.07 -6.18 17.37
CA VAL A 181 -18.67 -5.60 18.57
C VAL A 181 -17.74 -5.78 19.78
N TYR A 182 -17.15 -6.97 19.92
CA TYR A 182 -16.26 -7.21 21.06
C TYR A 182 -15.12 -6.20 21.10
N SER A 183 -14.66 -5.72 19.94
CA SER A 183 -13.56 -4.77 19.92
C SER A 183 -13.86 -3.51 20.72
N LEU A 184 -15.14 -3.12 20.82
CA LEU A 184 -15.49 -1.91 21.53
C LEU A 184 -15.57 -2.10 23.04
N PHE A 185 -15.61 -3.34 23.52
CA PHE A 185 -15.81 -3.62 24.94
C PHE A 185 -14.74 -4.52 25.54
N LEU A 186 -13.74 -4.92 24.76
CA LEU A 186 -12.59 -5.68 25.24
C LEU A 186 -11.33 -5.11 24.64
N SER A 187 -10.28 -4.98 25.45
CA SER A 187 -9.00 -4.43 25.01
C SER A 187 -7.87 -5.25 25.62
N GLN A 188 -6.63 -4.87 25.28
CA GLN A 188 -5.46 -5.56 25.81
C GLN A 188 -5.28 -5.31 27.31
N LYS A 189 -5.96 -4.29 27.87
CA LYS A 189 -6.04 -4.17 29.32
C LYS A 189 -6.77 -5.37 29.91
N ASP A 190 -7.83 -5.83 29.24
CA ASP A 190 -8.57 -6.99 29.73
C ASP A 190 -7.82 -8.29 29.48
N CYS A 191 -6.98 -8.33 28.43
CA CYS A 191 -6.18 -9.51 28.13
C CYS A 191 -4.90 -9.04 27.46
N PRO A 192 -3.81 -8.87 28.23
CA PRO A 192 -2.56 -8.43 27.61
C PRO A 192 -2.02 -9.41 26.58
N GLY A 193 -2.24 -10.71 26.78
CA GLY A 193 -1.78 -11.71 25.82
C GLY A 193 -2.55 -11.73 24.52
N CYS A 194 -3.69 -11.06 24.44
CA CYS A 194 -4.55 -11.08 23.25
C CYS A 194 -4.19 -9.89 22.37
N HIS A 195 -3.24 -10.09 21.46
CA HIS A 195 -2.81 -9.01 20.57
C HIS A 195 -3.75 -8.81 19.38
N PHE A 196 -4.80 -9.62 19.26
CA PHE A 196 -5.84 -9.38 18.29
C PHE A 196 -6.91 -8.43 18.79
N LEU A 197 -6.93 -8.15 20.10
CA LEU A 197 -7.78 -7.11 20.64
C LEU A 197 -7.11 -5.74 20.49
N PRO A 198 -7.88 -4.67 20.48
CA PRO A 198 -7.28 -3.33 20.42
C PRO A 198 -6.60 -2.97 21.73
N THR A 199 -5.60 -2.11 21.64
CA THR A 199 -5.07 -1.47 22.83
C THR A 199 -6.11 -0.50 23.37
N PRO A 200 -5.99 -0.11 24.64
CA PRO A 200 -6.90 0.93 25.15
C PRO A 200 -6.93 2.18 24.29
N GLU A 201 -5.78 2.60 23.75
CA GLU A 201 -5.77 3.76 22.88
C GLU A 201 -6.46 3.47 21.54
N ASP A 202 -6.24 2.28 20.99
CA ASP A 202 -6.94 1.90 19.77
C ASP A 202 -8.45 1.93 20.00
N GLN A 203 -8.90 1.33 21.11
CA GLN A 203 -10.33 1.24 21.38
C GLN A 203 -10.95 2.63 21.52
N GLU A 204 -10.26 3.54 22.20
CA GLU A 204 -10.76 4.90 22.33
CA GLU A 204 -10.76 4.90 22.33
C GLU A 204 -10.85 5.58 20.97
N ALA A 205 -9.86 5.35 20.11
CA ALA A 205 -9.92 5.89 18.76
C ALA A 205 -11.14 5.36 18.01
N LEU A 206 -11.54 4.12 18.26
CA LEU A 206 -12.72 3.56 17.62
C LEU A 206 -13.99 4.26 18.10
N TRP A 207 -14.12 4.44 19.41
CA TRP A 207 -15.29 5.15 19.94
C TRP A 207 -15.37 6.57 19.43
N GLU A 208 -14.23 7.20 19.15
CA GLU A 208 -14.20 8.57 18.66
C GLU A 208 -14.39 8.66 17.15
N HIS A 209 -14.49 7.53 16.45
CA HIS A 209 -14.72 7.53 15.01
C HIS A 209 -16.01 6.81 14.63
N LEU A 210 -16.96 6.71 15.55
CA LEU A 210 -18.23 6.05 15.25
C LEU A 210 -18.90 6.58 13.98
N PRO A 211 -18.87 7.88 13.66
CA PRO A 211 -19.42 8.32 12.37
C PRO A 211 -18.73 7.66 11.18
N ILE A 212 -17.45 7.32 11.32
CA ILE A 212 -16.69 6.72 10.23
C ILE A 212 -17.01 5.23 10.10
N ILE A 213 -17.42 4.59 11.19
CA ILE A 213 -17.72 3.16 11.17
C ILE A 213 -19.13 2.98 10.63
N ASP A 214 -19.25 2.29 9.50
CA ASP A 214 -20.53 2.12 8.84
C ASP A 214 -21.33 0.93 9.38
N VAL A 215 -20.65 -0.11 9.85
CA VAL A 215 -21.29 -1.38 10.17
C VAL A 215 -20.68 -1.98 11.44
N PHE A 216 -21.53 -2.65 12.21
CA PHE A 216 -21.08 -3.54 13.28
C PHE A 216 -21.19 -4.98 12.78
N SER A 217 -20.18 -5.78 13.08
CA SER A 217 -20.22 -7.20 12.79
C SER A 217 -19.91 -7.97 14.06
N ILE A 218 -20.23 -9.26 14.04
CA ILE A 218 -19.80 -10.16 15.10
C ILE A 218 -18.40 -10.68 14.83
N GLY A 219 -18.19 -11.26 13.64
CA GLY A 219 -16.86 -11.59 13.19
C GLY A 219 -16.35 -12.90 13.76
N SER A 220 -15.08 -13.17 13.48
CA SER A 220 -14.39 -14.31 14.05
C SER A 220 -13.69 -13.97 15.36
N LEU A 221 -13.74 -12.72 15.78
CA LEU A 221 -13.08 -12.32 17.02
C LEU A 221 -13.60 -13.08 18.24
N PRO A 222 -14.92 -13.27 18.42
CA PRO A 222 -15.36 -14.08 19.56
C PRO A 222 -14.77 -15.48 19.54
N TYR A 223 -14.75 -16.12 18.38
CA TYR A 223 -14.19 -17.45 18.28
C TYR A 223 -12.69 -17.44 18.51
N GLN A 224 -11.98 -16.49 17.88
CA GLN A 224 -10.54 -16.41 18.07
C GLN A 224 -10.18 -16.21 19.53
N LEU A 225 -10.94 -15.39 20.25
CA LEU A 225 -10.67 -15.16 21.67
C LEU A 225 -10.88 -16.43 22.48
N ALA A 226 -12.03 -17.10 22.29
CA ALA A 226 -12.30 -18.31 23.06
C ALA A 226 -11.25 -19.38 22.80
N HIS A 227 -10.84 -19.54 21.54
CA HIS A 227 -9.82 -20.53 21.21
C HIS A 227 -8.48 -20.20 21.87
N PHE A 228 -8.07 -18.93 21.81
CA PHE A 228 -6.81 -18.53 22.43
C PHE A 228 -6.82 -18.73 23.93
N LEU A 229 -8.00 -18.66 24.56
CA LEU A 229 -8.13 -18.89 25.99
C LEU A 229 -8.48 -20.34 26.34
N LYS A 230 -8.64 -21.20 25.32
CA LYS A 230 -8.82 -22.64 25.53
C LYS A 230 -10.12 -22.94 26.29
N LYS A 231 -11.22 -22.50 25.71
CA LYS A 231 -12.56 -22.87 26.14
C LYS A 231 -13.12 -23.84 25.12
N GLU A 232 -14.39 -24.22 25.28
CA GLU A 232 -15.00 -25.14 24.33
CA GLU A 232 -15.02 -25.13 24.34
C GLU A 232 -15.13 -24.48 22.96
N ALA A 233 -14.88 -25.26 21.92
CA ALA A 233 -15.05 -24.78 20.56
C ALA A 233 -16.54 -24.69 20.25
N ASP A 234 -17.27 -23.88 20.99
CA ASP A 234 -18.71 -23.76 20.76
C ASP A 234 -18.95 -22.87 19.55
N VAL A 235 -19.83 -23.33 18.66
CA VAL A 235 -20.02 -22.70 17.36
C VAL A 235 -20.78 -21.38 17.43
N THR A 236 -21.37 -21.05 18.57
CA THR A 236 -22.25 -19.88 18.68
C THR A 236 -21.65 -18.78 19.57
N VAL A 237 -20.35 -18.84 19.86
CA VAL A 237 -19.73 -17.83 20.71
C VAL A 237 -19.95 -16.44 20.13
N GLY A 238 -20.36 -15.50 20.98
CA GLY A 238 -20.43 -14.10 20.63
C GLY A 238 -21.69 -13.66 19.91
N ILE A 239 -22.61 -14.57 19.58
CA ILE A 239 -23.78 -14.18 18.80
C ILE A 239 -24.84 -13.55 19.68
N ALA A 240 -25.13 -14.15 20.84
CA ALA A 240 -26.14 -13.61 21.74
C ALA A 240 -25.63 -12.47 22.61
N ASP A 241 -24.31 -12.20 22.58
CA ASP A 241 -23.70 -11.14 23.38
C ASP A 241 -23.74 -9.79 22.69
N ALA A 242 -23.63 -9.78 21.35
CA ALA A 242 -23.26 -8.57 20.64
C ALA A 242 -24.29 -7.46 20.85
N LEU A 243 -25.55 -7.73 20.56
CA LEU A 243 -26.55 -6.66 20.59
C LEU A 243 -26.76 -6.16 22.01
N PRO A 244 -26.88 -7.03 23.02
CA PRO A 244 -27.02 -6.52 24.39
C PRO A 244 -25.86 -5.62 24.81
N LEU A 245 -24.62 -5.97 24.45
CA LEU A 245 -23.49 -5.09 24.71
C LEU A 245 -23.75 -3.71 24.13
N LEU A 246 -24.27 -3.66 22.90
CA LEU A 246 -24.57 -2.37 22.28
C LEU A 246 -25.73 -1.68 22.98
N LEU A 247 -26.79 -2.42 23.29
CA LEU A 247 -27.94 -1.82 23.94
C LEU A 247 -27.62 -1.39 25.35
N THR A 248 -26.71 -2.09 26.03
CA THR A 248 -26.22 -1.61 27.32
C THR A 248 -25.53 -0.26 27.18
N ALA A 249 -24.79 -0.07 26.08
CA ALA A 249 -24.16 1.22 25.81
C ALA A 249 -25.19 2.28 25.45
N VAL A 250 -26.29 1.89 24.81
CA VAL A 250 -27.38 2.82 24.55
C VAL A 250 -27.98 3.31 25.85
N VAL A 251 -28.29 2.38 26.76
CA VAL A 251 -28.86 2.74 28.06
C VAL A 251 -27.89 3.61 28.84
N ASP A 252 -26.59 3.36 28.69
CA ASP A 252 -25.58 4.18 29.35
C ASP A 252 -25.31 5.49 28.63
N GLY A 253 -26.05 5.78 27.56
CA GLY A 253 -25.91 7.05 26.87
C GLY A 253 -24.71 7.17 25.96
N ARG A 254 -24.04 6.06 25.62
CA ARG A 254 -22.91 6.11 24.70
C ARG A 254 -23.33 5.90 23.24
N LEU A 255 -24.48 5.28 23.00
CA LEU A 255 -24.96 5.06 21.65
C LEU A 255 -26.45 5.38 21.60
N THR A 256 -26.95 5.60 20.39
CA THR A 256 -28.38 5.78 20.16
C THR A 256 -28.94 4.55 19.46
N VAL A 257 -30.25 4.35 19.65
CA VAL A 257 -30.91 3.21 19.01
C VAL A 257 -30.74 3.28 17.50
N ASP A 258 -30.89 4.47 16.92
CA ASP A 258 -30.80 4.59 15.47
C ASP A 258 -29.41 4.27 14.97
N TYR A 259 -28.37 4.69 15.69
CA TYR A 259 -27.02 4.30 15.31
C TYR A 259 -26.89 2.79 15.26
N VAL A 260 -27.31 2.11 16.32
CA VAL A 260 -27.26 0.65 16.36
C VAL A 260 -28.05 0.06 15.20
N LYS A 261 -29.25 0.59 14.94
CA LYS A 261 -30.06 0.07 13.85
C LYS A 261 -29.36 0.23 12.51
N THR A 262 -28.83 1.43 12.24
CA THR A 262 -28.16 1.65 10.97
C THR A 262 -26.93 0.76 10.81
N ARG A 263 -26.23 0.51 11.92
CA ARG A 263 -25.01 -0.31 11.85
C ARG A 263 -25.29 -1.80 11.77
N LEU A 264 -26.52 -2.23 12.09
CA LEU A 264 -26.89 -3.63 12.03
C LEU A 264 -28.02 -3.91 11.04
N HIS A 265 -28.38 -2.92 10.22
CA HIS A 265 -29.41 -3.13 9.21
C HIS A 265 -29.22 -2.21 8.00
N ASP A 266 -29.53 -0.91 8.16
CA ASP A 266 -29.55 0.00 7.02
C ASP A 266 -28.23 -0.01 6.25
N ASN A 267 -27.13 0.26 6.94
CA ASN A 267 -25.85 0.36 6.22
C ASN A 267 -25.38 -0.98 5.70
N PRO A 268 -25.36 -2.07 6.46
CA PRO A 268 -24.95 -3.36 5.88
C PRO A 268 -25.81 -3.77 4.70
N LYS A 269 -27.08 -3.36 4.70
CA LYS A 269 -27.98 -3.75 3.61
C LYS A 269 -27.58 -3.06 2.30
N GLU A 270 -27.20 -1.80 2.36
CA GLU A 270 -26.85 -1.07 1.15
C GLU A 270 -25.46 -1.45 0.65
N ILE A 271 -24.50 -1.57 1.56
CA ILE A 271 -23.12 -1.84 1.17
C ILE A 271 -23.02 -3.20 0.49
N PHE A 272 -23.76 -4.19 0.98
CA PHE A 272 -23.70 -5.53 0.44
C PHE A 272 -24.89 -5.86 -0.46
N GLU A 273 -25.69 -4.86 -0.83
CA GLU A 273 -26.77 -5.04 -1.81
C GLU A 273 -27.69 -6.18 -1.40
N LEU A 274 -28.13 -6.16 -0.15
CA LEU A 274 -28.99 -7.21 0.37
C LEU A 274 -30.45 -6.84 0.17
N HIS A 275 -31.27 -7.88 -0.02
CA HIS A 275 -32.66 -7.68 -0.38
C HIS A 275 -33.52 -7.36 0.85
N ASP A 276 -34.72 -6.87 0.58
CA ASP A 276 -35.68 -6.62 1.63
C ASP A 276 -36.22 -7.93 2.19
N GLN A 277 -36.50 -7.94 3.50
CA GLN A 277 -37.06 -9.09 4.19
C GLN A 277 -38.42 -8.70 4.75
N VAL A 278 -39.49 -9.06 4.03
CA VAL A 278 -40.83 -8.88 4.58
C VAL A 278 -41.04 -9.90 5.69
N GLY A 279 -41.61 -9.43 6.79
CA GLY A 279 -41.99 -10.32 7.88
C GLY A 279 -40.93 -10.58 8.91
N ALA A 280 -39.71 -10.07 8.73
CA ALA A 280 -38.65 -10.24 9.70
C ALA A 280 -38.66 -9.05 10.64
N THR A 281 -39.03 -9.28 11.90
CA THR A 281 -39.11 -8.21 12.89
C THR A 281 -38.46 -8.67 14.19
N VAL A 282 -37.99 -7.70 14.96
CA VAL A 282 -37.35 -7.94 16.26
C VAL A 282 -37.95 -6.97 17.27
N GLU A 283 -38.48 -7.51 18.36
CA GLU A 283 -38.99 -6.71 19.47
C GLU A 283 -38.06 -6.89 20.67
N ILE A 284 -37.60 -5.76 21.21
CA ILE A 284 -36.55 -5.76 22.22
C ILE A 284 -37.03 -5.00 23.44
N GLU A 285 -36.90 -5.62 24.61
CA GLU A 285 -37.10 -4.94 25.90
C GLU A 285 -35.75 -4.31 26.25
N LEU A 286 -35.60 -3.03 25.88
CA LEU A 286 -34.30 -2.37 25.95
C LEU A 286 -33.79 -2.26 27.38
N ASP A 287 -34.69 -2.16 28.36
CA ASP A 287 -34.32 -1.90 29.74
C ASP A 287 -34.28 -3.16 30.60
N ARG A 288 -34.69 -4.30 30.08
CA ARG A 288 -34.73 -5.51 30.88
C ARG A 288 -33.31 -6.02 31.11
N ALA A 289 -32.94 -6.21 32.37
CA ALA A 289 -31.64 -6.77 32.71
C ALA A 289 -31.68 -8.28 32.66
N PHE A 290 -30.51 -8.88 32.42
CA PHE A 290 -30.36 -10.31 32.42
C PHE A 290 -28.90 -10.64 32.63
N ALA A 291 -28.65 -11.77 33.30
CA ALA A 291 -27.30 -12.24 33.52
C ALA A 291 -26.83 -13.05 32.31
N VAL A 292 -25.68 -12.67 31.77
CA VAL A 292 -25.10 -13.43 30.65
C VAL A 292 -25.01 -14.88 31.12
N PRO A 293 -25.66 -15.82 30.44
CA PRO A 293 -25.73 -17.20 30.97
C PRO A 293 -24.35 -17.78 31.23
N THR A 294 -24.12 -18.15 32.49
CA THR A 294 -22.88 -18.80 32.90
C THR A 294 -22.82 -20.27 32.50
N GLU A 295 -23.79 -20.75 31.71
CA GLU A 295 -23.86 -22.16 31.34
C GLU A 295 -23.58 -22.35 29.85
N GLY A 296 -24.60 -22.09 29.03
CA GLY A 296 -24.58 -22.39 27.61
C GLY A 296 -23.27 -22.14 26.90
N VAL A 297 -23.18 -21.02 26.21
CA VAL A 297 -22.01 -20.69 25.41
C VAL A 297 -21.07 -19.86 26.26
N TRP A 298 -19.76 -20.09 26.10
CA TRP A 298 -18.79 -19.28 26.81
C TRP A 298 -18.90 -17.82 26.38
N SER A 299 -18.67 -16.92 27.32
CA SER A 299 -18.68 -15.50 27.04
C SER A 299 -17.69 -14.81 27.97
N PRO A 300 -16.90 -13.85 27.47
CA PRO A 300 -16.05 -13.06 28.38
C PRO A 300 -16.84 -12.23 29.37
N PHE A 301 -18.16 -12.14 29.22
CA PHE A 301 -19.02 -11.39 30.12
C PHE A 301 -19.92 -12.29 30.95
N ALA A 302 -19.65 -13.60 30.99
CA ALA A 302 -20.46 -14.52 31.77
C ALA A 302 -20.59 -14.03 33.21
N GLY A 303 -21.81 -14.10 33.74
CA GLY A 303 -22.08 -13.59 35.07
C GLY A 303 -22.25 -12.09 35.16
N LYS A 304 -21.84 -11.33 34.14
CA LYS A 304 -22.13 -9.91 34.10
C LYS A 304 -23.57 -9.69 33.69
N VAL A 305 -24.10 -8.52 34.05
CA VAL A 305 -25.49 -8.17 33.81
C VAL A 305 -25.54 -7.12 32.70
N LEU A 306 -26.24 -7.43 31.63
CA LEU A 306 -26.45 -6.52 30.52
C LEU A 306 -27.93 -6.17 30.41
N LYS A 307 -28.24 -5.23 29.51
CA LYS A 307 -29.60 -4.87 29.22
C LYS A 307 -29.90 -5.12 27.74
N GLY A 308 -31.16 -5.47 27.46
CA GLY A 308 -31.58 -5.74 26.11
C GLY A 308 -31.95 -7.19 25.89
N VAL A 309 -33.23 -7.51 26.09
CA VAL A 309 -33.74 -8.86 25.90
C VAL A 309 -34.50 -8.90 24.59
N VAL A 310 -34.22 -9.92 23.77
CA VAL A 310 -34.91 -10.13 22.51
C VAL A 310 -36.26 -10.77 22.83
N GLN A 311 -37.31 -9.94 22.89
CA GLN A 311 -38.61 -10.43 23.33
C GLN A 311 -39.24 -11.33 22.27
N ARG A 312 -39.14 -10.96 21.00
CA ARG A 312 -39.78 -11.74 19.94
C ARG A 312 -39.09 -11.45 18.62
N VAL A 313 -38.84 -12.52 17.86
CA VAL A 313 -38.34 -12.42 16.49
C VAL A 313 -39.31 -13.17 15.60
N THR A 314 -39.80 -12.49 14.55
CA THR A 314 -40.60 -13.14 13.53
C THR A 314 -39.74 -13.34 12.29
N PHE A 315 -40.03 -14.42 11.57
CA PHE A 315 -39.26 -14.75 10.37
C PHE A 315 -40.13 -15.66 9.51
N GLN A 316 -40.37 -15.25 8.27
CA GLN A 316 -41.10 -16.08 7.32
C GLN A 316 -42.45 -16.52 7.88
N ASP A 317 -43.18 -15.57 8.46
CA ASP A 317 -44.55 -15.77 8.95
C ASP A 317 -44.63 -16.65 10.18
N GLN A 318 -43.53 -16.80 10.92
CA GLN A 318 -43.54 -17.60 12.13
C GLN A 318 -42.77 -16.87 13.23
N VAL A 319 -43.05 -17.23 14.47
CA VAL A 319 -42.34 -16.71 15.63
C VAL A 319 -41.10 -17.57 15.85
N ALA A 320 -39.94 -17.01 15.54
CA ALA A 320 -38.69 -17.75 15.60
C ALA A 320 -38.00 -17.67 16.95
N CYS A 321 -38.45 -16.80 17.85
CA CYS A 321 -37.79 -16.65 19.14
C CYS A 321 -38.71 -15.93 20.12
N LEU A 322 -38.65 -16.34 21.38
CA LEU A 322 -39.36 -15.68 22.46
C LEU A 322 -38.43 -15.55 23.65
N ASP A 323 -38.19 -14.32 24.11
CA ASP A 323 -37.30 -14.07 25.23
C ASP A 323 -35.93 -14.71 25.02
N GLY A 324 -35.42 -14.55 23.81
CA GLY A 324 -34.12 -15.12 23.45
C GLY A 324 -34.10 -16.62 23.28
N VAL A 325 -35.24 -17.29 23.34
CA VAL A 325 -35.31 -18.75 23.27
C VAL A 325 -35.72 -19.14 21.85
N PHE A 326 -34.80 -19.79 21.14
CA PHE A 326 -35.09 -20.36 19.83
C PHE A 326 -36.38 -21.17 19.87
N GLN A 327 -37.24 -20.96 18.87
CA GLN A 327 -38.48 -21.71 18.75
C GLN A 327 -38.32 -22.78 17.68
N PRO A 328 -38.44 -24.07 18.02
CA PRO A 328 -38.21 -25.12 17.01
C PRO A 328 -39.26 -25.17 15.90
N ILE A 329 -39.31 -24.14 15.07
CA ILE A 329 -40.23 -24.10 13.93
C ILE A 329 -39.55 -24.73 12.73
N PRO A 330 -40.27 -24.97 11.63
CA PRO A 330 -39.63 -25.47 10.40
C PRO A 330 -38.63 -24.46 9.86
N PRO A 331 -37.46 -24.92 9.40
CA PRO A 331 -36.49 -23.98 8.80
C PRO A 331 -37.01 -23.45 7.47
N LYS A 332 -37.13 -22.11 7.37
CA LYS A 332 -37.58 -21.46 6.15
C LYS A 332 -36.54 -20.49 5.59
N GLY A 333 -35.30 -20.54 6.06
CA GLY A 333 -34.27 -19.67 5.53
C GLY A 333 -33.78 -20.13 4.17
N ALA A 334 -33.19 -19.19 3.41
CA ALA A 334 -32.74 -19.47 2.06
C ALA A 334 -31.41 -18.81 1.77
N ASP A 335 -30.65 -19.42 0.87
CA ASP A 335 -29.48 -18.79 0.26
C ASP A 335 -29.95 -17.67 -0.67
N MET A 336 -29.51 -16.45 -0.42
CA MET A 336 -29.98 -15.30 -1.19
C MET A 336 -29.16 -15.07 -2.46
N SER A 337 -28.26 -15.98 -2.81
CA SER A 337 -27.51 -15.87 -4.06
C SER A 337 -28.24 -16.61 -5.19
N HIS B 1 32.02 13.41 -37.92
CA HIS B 1 31.93 14.84 -38.22
C HIS B 1 30.51 15.36 -38.03
N ARG B 2 29.52 14.47 -38.19
CA ARG B 2 28.13 14.83 -37.95
C ARG B 2 27.88 14.95 -36.46
N THR B 3 27.21 16.03 -36.06
CA THR B 3 27.16 16.42 -34.66
C THR B 3 25.74 16.80 -34.27
N ILE B 4 25.31 16.33 -33.10
CA ILE B 4 24.05 16.72 -32.49
C ILE B 4 24.36 17.57 -31.26
N GLN B 5 23.54 18.59 -31.03
CA GLN B 5 23.69 19.46 -29.87
C GLN B 5 22.52 19.27 -28.94
N LEU B 6 22.82 18.99 -27.66
CA LEU B 6 21.84 18.81 -26.62
C LEU B 6 22.03 19.88 -25.55
N PRO B 7 21.01 20.16 -24.76
CA PRO B 7 21.21 21.00 -23.57
C PRO B 7 22.06 20.27 -22.55
N GLY B 8 22.59 21.05 -21.60
CA GLY B 8 23.29 20.43 -20.50
C GLY B 8 22.38 19.41 -19.84
N LEU B 9 22.89 18.21 -19.60
CA LEU B 9 22.04 17.11 -19.15
C LEU B 9 21.90 17.10 -17.62
N ILE B 10 20.93 16.31 -17.16
CA ILE B 10 20.54 16.29 -15.75
C ILE B 10 20.53 14.84 -15.28
N ASN B 11 21.21 14.58 -14.16
CA ASN B 11 21.17 13.29 -13.49
C ASN B 11 20.55 13.49 -12.11
N ILE B 12 19.33 12.99 -11.92
CA ILE B 12 18.57 13.24 -10.70
C ILE B 12 18.98 12.28 -9.59
N ALA B 13 20.04 11.50 -9.78
CA ALA B 13 20.47 10.57 -8.74
C ALA B 13 21.99 10.36 -8.89
N ALA B 14 22.76 11.18 -8.18
CA ALA B 14 24.21 11.03 -8.13
C ALA B 14 24.60 10.48 -6.77
N PHE B 15 25.24 9.32 -6.76
CA PHE B 15 25.70 8.70 -5.52
C PHE B 15 27.05 9.26 -5.12
N VAL B 16 27.14 9.78 -3.90
CA VAL B 16 28.38 10.32 -3.34
C VAL B 16 28.71 9.56 -2.08
N PRO B 17 29.59 8.54 -2.16
CA PRO B 17 29.90 7.72 -0.98
C PRO B 17 30.27 8.53 0.26
N GLY B 18 31.21 9.47 0.14
CA GLY B 18 31.66 10.25 1.28
C GLY B 18 30.90 11.55 1.44
N LEU B 19 29.61 11.52 1.13
CA LEU B 19 28.80 12.74 1.17
C LEU B 19 28.80 13.36 2.56
N VAL B 20 28.67 12.53 3.60
CA VAL B 20 28.61 13.02 4.97
C VAL B 20 29.84 12.60 5.74
N THR B 21 30.98 12.51 5.05
CA THR B 21 32.27 12.29 5.69
C THR B 21 33.03 13.61 5.74
N ARG B 22 33.63 13.88 6.89
CA ARG B 22 34.39 15.12 7.07
C ARG B 22 35.57 15.15 6.10
N ASP B 23 35.69 16.26 5.37
CA ASP B 23 36.88 16.55 4.57
C ASP B 23 36.99 15.64 3.34
N SER B 24 35.86 15.28 2.74
CA SER B 24 35.84 14.36 1.61
C SER B 24 35.79 15.15 0.30
N GLU B 25 36.55 14.67 -0.69
CA GLU B 25 36.51 15.22 -2.04
C GLU B 25 35.56 14.46 -2.96
N ASP B 26 34.74 13.55 -2.41
CA ASP B 26 33.87 12.74 -3.25
C ASP B 26 32.85 13.60 -3.96
N LEU B 27 32.20 14.51 -3.24
CA LEU B 27 31.22 15.37 -3.87
C LEU B 27 31.85 16.20 -4.98
N GLN B 28 33.04 16.77 -4.73
CA GLN B 28 33.70 17.57 -5.76
C GLN B 28 34.03 16.73 -6.97
N ARG B 29 34.55 15.53 -6.76
CA ARG B 29 34.97 14.68 -7.86
C ARG B 29 33.79 14.19 -8.69
N VAL B 30 32.62 14.00 -8.06
CA VAL B 30 31.43 13.58 -8.80
C VAL B 30 31.01 14.69 -9.75
N THR B 31 30.97 15.94 -9.26
CA THR B 31 30.60 17.05 -10.13
C THR B 31 31.61 17.23 -11.25
N GLN B 32 32.87 16.88 -11.01
CA GLN B 32 33.89 17.01 -12.05
C GLN B 32 33.66 16.02 -13.16
N ALA B 33 33.54 14.73 -12.82
CA ALA B 33 33.22 13.73 -13.82
C ALA B 33 31.85 13.96 -14.44
N SER B 34 30.94 14.64 -13.72
CA SER B 34 29.61 14.88 -14.27
C SER B 34 29.65 15.90 -15.40
N ILE B 35 30.26 17.06 -15.15
CA ILE B 35 30.32 18.09 -16.18
C ILE B 35 31.12 17.59 -17.38
N ALA B 36 32.14 16.76 -17.12
CA ALA B 36 32.94 16.23 -18.23
C ALA B 36 32.12 15.29 -19.11
N ALA B 37 31.12 14.62 -18.55
CA ALA B 37 30.25 13.73 -19.30
C ALA B 37 29.03 14.45 -19.87
N GLY B 38 28.85 15.74 -19.58
CA GLY B 38 27.77 16.51 -20.15
C GLY B 38 26.61 16.79 -19.22
N TYR B 39 26.73 16.46 -17.93
CA TYR B 39 25.69 16.75 -16.95
C TYR B 39 26.03 18.06 -16.25
N SER B 40 25.28 19.11 -16.58
CA SER B 40 25.47 20.43 -15.97
C SER B 40 24.68 20.57 -14.68
N MET B 41 23.86 19.58 -14.33
CA MET B 41 23.01 19.66 -13.14
C MET B 41 22.79 18.24 -12.63
N ILE B 42 23.00 18.05 -11.32
CA ILE B 42 22.81 16.73 -10.72
C ILE B 42 22.13 16.90 -9.37
N ARG B 43 21.35 15.89 -9.01
CA ARG B 43 20.80 15.76 -7.66
C ARG B 43 21.62 14.75 -6.90
N ILE B 44 22.09 15.14 -5.72
CA ILE B 44 22.88 14.24 -4.88
C ILE B 44 21.93 13.33 -4.11
N MET B 45 22.14 12.03 -4.24
CA MET B 45 21.37 11.08 -3.43
C MET B 45 21.69 11.30 -1.96
N PRO B 46 20.68 11.34 -1.07
CA PRO B 46 20.97 11.64 0.34
C PRO B 46 21.51 10.46 1.13
N VAL B 47 21.30 9.23 0.66
CA VAL B 47 21.86 8.05 1.30
C VAL B 47 23.23 7.79 0.69
N SER B 48 24.27 7.84 1.52
CA SER B 48 25.65 7.66 1.08
C SER B 48 26.14 6.28 1.50
N LYS B 49 27.46 6.11 1.57
CA LYS B 49 28.04 4.79 1.84
C LYS B 49 27.90 4.41 3.31
N ASP B 50 28.35 5.26 4.22
CA ASP B 50 28.37 4.96 5.65
C ASP B 50 27.49 5.94 6.42
N GLY B 51 26.36 6.34 5.84
CA GLY B 51 25.49 7.30 6.47
C GLY B 51 24.56 7.94 5.45
N SER B 52 24.04 9.10 5.81
CA SER B 52 23.08 9.78 4.96
C SER B 52 22.83 11.19 5.51
N ILE B 53 22.17 12.00 4.70
CA ILE B 53 21.64 13.28 5.16
C ILE B 53 20.26 12.98 5.73
N SER B 54 20.16 13.01 7.06
CA SER B 54 18.92 12.70 7.76
C SER B 54 18.56 13.74 8.82
N ASP B 55 19.41 14.73 9.04
CA ASP B 55 19.13 15.81 9.99
C ASP B 55 20.03 16.99 9.63
N VAL B 56 19.89 18.08 10.39
CA VAL B 56 20.61 19.30 10.07
C VAL B 56 22.11 19.08 10.15
N LYS B 57 22.56 18.34 11.16
CA LYS B 57 23.99 18.09 11.33
C LYS B 57 24.57 17.35 10.13
N SER B 58 23.88 16.30 9.68
CA SER B 58 24.31 15.60 8.47
C SER B 58 24.36 16.55 7.28
N LEU B 59 23.34 17.40 7.13
CA LEU B 59 23.29 18.32 6.01
C LEU B 59 24.50 19.24 5.99
N LYS B 60 24.84 19.85 7.13
CA LYS B 60 25.95 20.79 7.18
C LYS B 60 27.25 20.16 6.70
N VAL B 61 27.46 18.88 7.02
CA VAL B 61 28.68 18.21 6.58
C VAL B 61 28.73 18.11 5.07
N ALA B 62 27.59 17.81 4.44
CA ALA B 62 27.54 17.75 2.98
C ALA B 62 27.78 19.12 2.38
N GLN B 63 27.06 20.14 2.86
CA GLN B 63 27.30 21.50 2.41
C GLN B 63 28.77 21.88 2.57
N GLN B 64 29.35 21.55 3.72
CA GLN B 64 30.74 21.89 3.97
C GLN B 64 31.67 21.25 2.94
N ASN B 65 31.35 20.01 2.54
CA ASN B 65 32.17 19.33 1.56
C ASN B 65 32.07 19.95 0.17
N SER B 66 31.05 20.77 -0.08
CA SER B 66 30.90 21.43 -1.38
C SER B 66 31.53 22.81 -1.40
N LYS B 67 31.76 23.43 -0.24
CA LYS B 67 32.32 24.77 -0.19
C LYS B 67 33.68 24.85 -0.88
N ARG B 68 34.33 23.72 -1.12
CA ARG B 68 35.59 23.71 -1.86
C ARG B 68 35.38 23.90 -3.36
N GLY B 69 34.14 24.05 -3.82
CA GLY B 69 33.87 24.33 -5.22
C GLY B 69 33.35 23.15 -6.00
N VAL B 70 32.32 23.38 -6.81
CA VAL B 70 31.71 22.33 -7.62
C VAL B 70 31.81 22.73 -9.09
N TYR B 71 31.98 21.73 -9.93
CA TYR B 71 32.13 21.95 -11.37
C TYR B 71 30.81 21.91 -12.11
N CYS B 72 29.73 21.49 -11.47
CA CYS B 72 28.40 21.58 -12.05
C CYS B 72 27.44 22.06 -10.96
N ASP B 73 26.27 22.51 -11.39
CA ASP B 73 25.24 22.87 -10.43
C ASP B 73 24.64 21.61 -9.81
N PHE B 74 24.22 21.73 -8.56
CA PHE B 74 23.73 20.56 -7.84
C PHE B 74 22.69 20.97 -6.82
N ASN B 75 21.85 20.00 -6.46
CA ASN B 75 20.93 20.09 -5.33
C ASN B 75 21.21 18.93 -4.38
N LEU B 76 21.13 19.19 -3.09
CA LEU B 76 21.17 18.12 -2.10
C LEU B 76 19.76 17.65 -1.79
N SER B 77 19.67 16.57 -1.02
CA SER B 77 18.40 15.98 -0.63
C SER B 77 18.49 15.56 0.83
N ILE B 78 17.35 15.21 1.41
CA ILE B 78 17.29 14.74 2.79
C ILE B 78 16.41 13.50 2.86
N THR B 79 16.77 12.59 3.76
CA THR B 79 16.09 11.31 3.89
C THR B 79 15.10 11.32 5.04
N ALA B 80 13.98 10.64 4.86
CA ALA B 80 12.96 10.52 5.88
C ALA B 80 13.27 9.33 6.78
N THR B 81 13.10 9.53 8.09
CA THR B 81 13.22 8.46 9.07
C THR B 81 12.00 8.45 9.98
N SER B 82 12.04 7.64 11.03
CA SER B 82 10.90 7.56 11.94
C SER B 82 10.81 8.79 12.85
N ASP B 83 11.95 9.38 13.21
CA ASP B 83 12.01 10.52 14.11
C ASP B 83 12.45 11.80 13.42
N ASN B 84 12.20 11.90 12.10
CA ASN B 84 12.75 12.97 11.27
C ASN B 84 11.78 14.10 11.00
N ALA B 85 10.48 13.87 11.09
CA ALA B 85 9.51 14.77 10.47
C ALA B 85 9.57 16.18 11.03
N ASN B 86 9.90 16.32 12.32
CA ASN B 86 9.89 17.64 12.94
C ASN B 86 11.07 18.49 12.48
N GLN B 87 12.24 17.86 12.28
CA GLN B 87 13.45 18.63 12.05
C GLN B 87 13.59 19.10 10.61
N ILE B 88 13.14 18.32 9.63
CA ILE B 88 13.51 18.57 8.24
C ILE B 88 12.52 19.48 7.52
N SER B 89 11.52 20.00 8.22
CA SER B 89 10.83 21.18 7.71
C SER B 89 11.70 22.43 7.84
N SER B 90 12.72 22.38 8.71
CA SER B 90 13.60 23.51 8.94
C SER B 90 14.62 23.68 7.83
N VAL B 91 15.07 22.59 7.23
CA VAL B 91 16.06 22.64 6.16
C VAL B 91 15.41 22.42 4.79
N ALA B 92 14.10 22.60 4.69
CA ALA B 92 13.42 22.46 3.40
C ALA B 92 13.95 23.46 2.38
N GLY B 93 14.45 24.61 2.85
CA GLY B 93 14.99 25.62 1.96
C GLY B 93 16.38 25.34 1.46
N GLU B 94 17.07 24.37 2.04
CA GLU B 94 18.44 24.04 1.67
C GLU B 94 18.57 22.74 0.87
N VAL B 95 17.46 22.05 0.60
CA VAL B 95 17.47 20.82 -0.19
C VAL B 95 16.46 20.96 -1.32
N GLY B 96 16.63 20.13 -2.33
CA GLY B 96 15.75 20.16 -3.48
C GLY B 96 14.64 19.14 -3.43
N SER B 97 14.68 18.23 -2.46
CA SER B 97 13.73 17.11 -2.47
C SER B 97 13.79 16.35 -1.16
N LEU B 98 12.70 15.63 -0.88
CA LEU B 98 12.62 14.70 0.24
C LEU B 98 12.60 13.28 -0.32
N PHE B 99 13.47 12.43 0.22
CA PHE B 99 13.58 11.04 -0.18
C PHE B 99 12.99 10.16 0.92
N ILE B 100 12.00 9.35 0.56
CA ILE B 100 11.31 8.50 1.53
C ILE B 100 11.58 7.03 1.24
N PRO B 101 12.58 6.43 1.87
CA PRO B 101 12.70 4.98 1.86
C PRO B 101 11.89 4.37 3.00
N PHE B 102 11.45 3.14 2.81
CA PHE B 102 10.62 2.48 3.80
C PHE B 102 11.41 1.63 4.79
N ASN B 103 12.70 1.41 4.54
CA ASN B 103 13.53 0.62 5.44
C ASN B 103 14.16 1.46 6.54
N HIS B 104 14.01 2.79 6.50
CA HIS B 104 14.45 3.65 7.59
C HIS B 104 13.36 3.87 8.64
N LEU B 105 12.34 3.01 8.65
CA LEU B 105 11.13 3.26 9.44
C LEU B 105 10.87 2.10 10.39
N SER B 106 10.17 2.40 11.47
CA SER B 106 9.99 1.46 12.57
C SER B 106 8.90 0.45 12.26
N ASP B 107 8.89 -0.63 13.05
CA ASP B 107 7.87 -1.67 12.96
C ASP B 107 6.79 -1.54 14.03
N ASN B 108 6.98 -0.65 15.01
CA ASN B 108 6.04 -0.51 16.11
C ASN B 108 4.80 0.29 15.74
N ILE B 109 4.84 1.02 14.63
CA ILE B 109 3.74 1.88 14.21
C ILE B 109 3.62 1.81 12.69
N SER B 110 2.39 1.94 12.20
CA SER B 110 2.12 1.81 10.77
C SER B 110 3.01 2.75 9.96
N LYS B 111 3.63 2.18 8.92
CA LYS B 111 4.45 2.99 8.03
C LYS B 111 3.62 3.96 7.21
N VAL B 112 2.33 3.69 7.03
CA VAL B 112 1.44 4.68 6.41
C VAL B 112 1.38 5.92 7.30
N THR B 113 1.17 5.71 8.60
CA THR B 113 1.16 6.82 9.54
C THR B 113 2.47 7.60 9.49
N GLN B 114 3.60 6.88 9.42
CA GLN B 114 4.90 7.56 9.43
C GLN B 114 5.10 8.40 8.18
N VAL B 115 4.67 7.90 7.01
CA VAL B 115 4.82 8.65 5.78
C VAL B 115 3.89 9.85 5.77
N GLU B 116 2.66 9.67 6.28
CA GLU B 116 1.72 10.77 6.32
C GLU B 116 2.27 11.94 7.11
N ALA B 117 3.00 11.65 8.20
CA ALA B 117 3.59 12.73 8.98
C ALA B 117 4.61 13.51 8.16
N HIS B 118 5.37 12.82 7.31
CA HIS B 118 6.32 13.49 6.45
C HIS B 118 5.60 14.31 5.37
N PHE B 119 4.53 13.76 4.80
CA PHE B 119 3.75 14.51 3.83
C PHE B 119 3.23 15.81 4.43
N ASP B 120 2.81 15.77 5.70
CA ASP B 120 2.26 16.96 6.33
C ASP B 120 3.33 18.02 6.54
N ALA B 121 4.55 17.60 6.90
CA ALA B 121 5.62 18.53 7.21
C ALA B 121 6.41 18.98 5.99
N TRP B 122 6.09 18.46 4.79
CA TRP B 122 6.80 18.81 3.58
C TRP B 122 5.93 19.69 2.69
N PRO B 123 6.46 20.78 2.14
CA PRO B 123 5.64 21.62 1.25
C PRO B 123 5.07 20.83 0.09
N LYS B 124 3.81 21.12 -0.25
CA LYS B 124 3.12 20.35 -1.27
C LYS B 124 3.87 20.39 -2.60
N HIS B 125 4.43 21.54 -2.95
CA HIS B 125 5.04 21.74 -4.26
C HIS B 125 6.55 21.61 -4.23
N LYS B 126 7.09 20.97 -3.20
CA LYS B 126 8.48 20.56 -3.16
C LYS B 126 8.58 19.07 -3.49
N PRO B 127 9.49 18.64 -4.36
CA PRO B 127 9.49 17.24 -4.82
C PRO B 127 9.65 16.24 -3.68
N ILE B 128 8.98 15.09 -3.85
CA ILE B 128 9.17 13.92 -3.01
C ILE B 128 9.54 12.75 -3.91
N ILE B 129 10.53 11.97 -3.48
CA ILE B 129 11.04 10.85 -4.25
C ILE B 129 11.12 9.65 -3.32
N THR B 130 10.81 8.46 -3.85
CA THR B 130 10.79 7.25 -3.05
C THR B 130 11.36 6.09 -3.87
N ASP B 131 11.93 5.12 -3.15
CA ASP B 131 12.32 3.84 -3.75
C ASP B 131 11.42 2.71 -3.27
N ALA B 132 10.21 3.04 -2.83
CA ALA B 132 9.27 2.04 -2.34
C ALA B 132 8.93 1.03 -3.42
N ARG B 133 8.72 -0.22 -2.99
CA ARG B 133 8.33 -1.33 -3.84
C ARG B 133 7.00 -1.91 -3.35
N THR B 134 6.38 -2.70 -4.23
CA THR B 134 5.17 -3.46 -3.93
C THR B 134 4.21 -2.71 -3.01
N THR B 135 3.85 -3.31 -1.88
CA THR B 135 2.83 -2.71 -1.00
C THR B 135 3.29 -1.39 -0.41
N ASP B 136 4.60 -1.20 -0.21
CA ASP B 136 5.10 0.11 0.18
C ASP B 136 4.82 1.14 -0.91
N LEU B 137 5.05 0.77 -2.17
CA LEU B 137 4.82 1.68 -3.27
C LEU B 137 3.34 2.06 -3.36
N ALA B 138 2.45 1.06 -3.34
CA ALA B 138 1.02 1.34 -3.38
C ALA B 138 0.60 2.26 -2.23
N SER B 139 1.17 2.05 -1.05
CA SER B 139 0.82 2.88 0.10
C SER B 139 1.16 4.35 -0.13
N ILE B 140 2.40 4.62 -0.58
CA ILE B 140 2.81 6.01 -0.75
C ILE B 140 2.13 6.63 -1.98
N LEU B 141 1.80 5.83 -3.00
CA LEU B 141 1.02 6.34 -4.12
C LEU B 141 -0.39 6.74 -3.67
N LEU B 142 -0.96 5.99 -2.72
CA LEU B 142 -2.28 6.35 -2.19
C LEU B 142 -2.24 7.70 -1.49
N LEU B 143 -1.20 7.95 -0.67
CA LEU B 143 -1.12 9.24 0.02
C LEU B 143 -0.93 10.38 -0.98
N ALA B 144 -0.08 10.19 -1.99
CA ALA B 144 0.04 11.20 -3.03
C ALA B 144 -1.29 11.47 -3.71
N SER B 145 -2.07 10.41 -3.96
CA SER B 145 -3.41 10.59 -4.53
C SER B 145 -4.30 11.37 -3.58
N LEU B 146 -4.35 10.95 -2.30
CA LEU B 146 -5.25 11.61 -1.36
C LEU B 146 -4.91 13.08 -1.18
N HIS B 147 -3.62 13.42 -1.22
CA HIS B 147 -3.18 14.81 -1.08
C HIS B 147 -3.06 15.54 -2.41
N ASN B 148 -3.43 14.89 -3.52
CA ASN B 148 -3.37 15.50 -4.85
C ASN B 148 -2.03 16.19 -5.08
N ARG B 149 -0.96 15.50 -4.70
CA ARG B 149 0.39 16.01 -4.89
C ARG B 149 1.24 14.99 -5.66
N ARG B 150 2.39 15.46 -6.14
CA ARG B 150 3.23 14.64 -6.99
C ARG B 150 4.11 13.70 -6.18
N ILE B 151 4.48 12.59 -6.80
CA ILE B 151 5.39 11.61 -6.22
C ILE B 151 6.25 11.04 -7.34
N HIS B 152 7.55 10.93 -7.08
CA HIS B 152 8.49 10.36 -8.05
C HIS B 152 9.07 9.07 -7.48
N VAL B 153 9.08 8.02 -8.30
CA VAL B 153 9.57 6.69 -7.90
C VAL B 153 10.88 6.42 -8.62
N SER B 154 11.92 6.11 -7.86
CA SER B 154 13.27 6.05 -8.38
C SER B 154 13.75 4.60 -8.50
N ALA B 155 14.63 4.38 -9.47
CA ALA B 155 15.32 3.10 -9.65
C ALA B 155 14.33 1.94 -9.78
N VAL B 156 13.27 2.15 -10.55
CA VAL B 156 12.29 1.10 -10.80
C VAL B 156 12.97 -0.01 -11.60
N THR B 157 12.83 -1.25 -11.11
CA THR B 157 13.49 -2.38 -11.75
C THR B 157 12.60 -3.58 -11.99
N THR B 158 11.37 -3.61 -11.48
CA THR B 158 10.53 -4.79 -11.59
C THR B 158 9.32 -4.55 -12.49
N LYS B 159 8.83 -5.64 -13.07
CA LYS B 159 7.62 -5.61 -13.87
C LYS B 159 6.40 -5.28 -13.02
N ASP B 160 6.31 -5.86 -11.83
CA ASP B 160 5.19 -5.57 -10.93
C ASP B 160 5.06 -4.08 -10.65
N ASP B 161 6.19 -3.42 -10.39
CA ASP B 161 6.13 -2.01 -10.00
C ASP B 161 5.79 -1.11 -11.19
N ILE B 162 6.43 -1.36 -12.34
CA ILE B 162 6.16 -0.51 -13.50
C ILE B 162 4.71 -0.68 -13.96
N LYS B 163 4.13 -1.86 -13.76
CA LYS B 163 2.72 -2.05 -14.12
C LYS B 163 1.82 -1.25 -13.19
N LEU B 164 2.13 -1.23 -11.88
CA LEU B 164 1.35 -0.41 -10.97
C LEU B 164 1.43 1.06 -11.35
N ILE B 165 2.64 1.54 -11.65
CA ILE B 165 2.81 2.94 -12.04
C ILE B 165 2.02 3.25 -13.30
N THR B 166 2.04 2.34 -14.28
CA THR B 166 1.25 2.52 -15.48
C THR B 166 -0.23 2.74 -15.14
N LEU B 167 -0.80 1.85 -14.33
CA LEU B 167 -2.20 2.00 -13.96
C LEU B 167 -2.43 3.33 -13.26
N GLY B 168 -1.54 3.70 -12.35
CA GLY B 168 -1.69 4.98 -11.66
C GLY B 168 -1.72 6.15 -12.63
N LYS B 169 -0.87 6.11 -13.65
CA LYS B 169 -0.84 7.18 -14.65
C LYS B 169 -2.10 7.18 -15.49
N GLN B 170 -2.60 6.00 -15.86
CA GLN B 170 -3.86 5.92 -16.60
C GLN B 170 -4.97 6.67 -15.88
N LYS B 171 -4.97 6.64 -14.55
CA LYS B 171 -6.05 7.22 -13.76
C LYS B 171 -5.75 8.64 -13.28
N GLY B 172 -4.62 9.22 -13.65
CA GLY B 172 -4.36 10.60 -13.35
C GLY B 172 -3.55 10.86 -12.10
N LEU B 173 -3.07 9.81 -11.42
CA LEU B 173 -2.13 10.02 -10.32
C LEU B 173 -0.93 10.80 -10.82
N LYS B 174 -0.45 11.74 -10.00
CA LYS B 174 0.67 12.59 -10.35
C LYS B 174 1.99 11.91 -10.00
N VAL B 175 2.18 10.73 -10.58
CA VAL B 175 3.34 9.90 -10.30
C VAL B 175 4.24 9.89 -11.53
N THR B 176 5.54 10.06 -11.29
CA THR B 176 6.57 9.87 -12.29
C THR B 176 7.57 8.86 -11.79
N CYS B 177 8.47 8.41 -12.67
CA CYS B 177 9.43 7.39 -12.28
C CYS B 177 10.69 7.50 -13.13
N ASP B 178 11.77 6.95 -12.60
CA ASP B 178 13.00 6.77 -13.37
C ASP B 178 13.49 5.34 -13.23
N VAL B 179 14.32 4.93 -14.19
CA VAL B 179 15.06 3.69 -14.10
C VAL B 179 16.54 4.03 -14.24
N CYS B 180 17.37 3.26 -13.54
CA CYS B 180 18.81 3.44 -13.66
C CYS B 180 19.28 2.92 -15.02
N VAL B 181 20.15 3.69 -15.67
CA VAL B 181 20.59 3.35 -17.02
C VAL B 181 21.12 1.91 -17.06
N TYR B 182 21.94 1.54 -16.06
CA TYR B 182 22.48 0.19 -16.03
C TYR B 182 21.38 -0.86 -16.03
N SER B 183 20.25 -0.58 -15.38
CA SER B 183 19.16 -1.54 -15.33
C SER B 183 18.70 -1.97 -16.73
N LEU B 184 18.82 -1.08 -17.71
CA LEU B 184 18.36 -1.40 -19.06
C LEU B 184 19.33 -2.28 -19.83
N PHE B 185 20.60 -2.36 -19.40
CA PHE B 185 21.64 -3.05 -20.14
C PHE B 185 22.36 -4.12 -19.34
N LEU B 186 21.91 -4.39 -18.12
CA LEU B 186 22.46 -5.46 -17.29
C LEU B 186 21.33 -6.13 -16.54
N SER B 187 21.45 -7.44 -16.34
CA SER B 187 20.42 -8.23 -15.70
C SER B 187 21.08 -9.32 -14.87
N GLN B 188 20.25 -10.06 -14.13
CA GLN B 188 20.75 -11.17 -13.33
C GLN B 188 21.36 -12.28 -14.19
N LYS B 189 21.05 -12.29 -15.50
CA LYS B 189 21.77 -13.17 -16.42
C LYS B 189 23.26 -12.84 -16.41
N ASP B 190 23.61 -11.56 -16.29
CA ASP B 190 25.00 -11.13 -16.22
C ASP B 190 25.58 -11.19 -14.82
N CYS B 191 24.73 -11.31 -13.79
CA CYS B 191 25.19 -11.41 -12.40
C CYS B 191 24.11 -12.12 -11.59
N PRO B 192 23.99 -13.44 -11.71
CA PRO B 192 22.90 -14.15 -11.02
C PRO B 192 22.79 -13.84 -9.53
N GLY B 193 23.90 -13.41 -8.93
CA GLY B 193 23.90 -13.03 -7.53
C GLY B 193 23.28 -11.67 -7.25
N CYS B 194 23.58 -10.69 -8.11
CA CYS B 194 23.05 -9.35 -7.94
C CYS B 194 21.52 -9.34 -7.97
N HIS B 195 20.90 -9.38 -6.79
CA HIS B 195 19.44 -9.28 -6.73
C HIS B 195 18.94 -7.84 -6.90
N PHE B 196 19.85 -6.87 -6.96
CA PHE B 196 19.46 -5.49 -7.25
C PHE B 196 19.34 -5.24 -8.76
N LEU B 197 19.97 -6.07 -9.58
CA LEU B 197 19.72 -5.99 -11.01
C LEU B 197 18.37 -6.66 -11.33
N PRO B 198 17.71 -6.24 -12.40
CA PRO B 198 16.46 -6.89 -12.78
C PRO B 198 16.71 -8.28 -13.35
N THR B 199 15.71 -9.14 -13.22
CA THR B 199 15.69 -10.37 -13.97
C THR B 199 15.46 -10.05 -15.44
N PRO B 200 15.85 -10.94 -16.35
CA PRO B 200 15.57 -10.68 -17.78
C PRO B 200 14.12 -10.32 -18.03
N GLU B 201 13.19 -10.99 -17.36
CA GLU B 201 11.78 -10.71 -17.55
C GLU B 201 11.43 -9.30 -17.07
N ASP B 202 11.98 -8.89 -15.93
CA ASP B 202 11.79 -7.53 -15.46
C ASP B 202 12.37 -6.52 -16.45
N GLN B 203 13.59 -6.78 -16.94
CA GLN B 203 14.23 -5.87 -17.88
C GLN B 203 13.41 -5.71 -19.14
N GLU B 204 12.86 -6.82 -19.66
CA GLU B 204 11.99 -6.73 -20.82
CA GLU B 204 11.99 -6.73 -20.82
C GLU B 204 10.78 -5.86 -20.54
N ALA B 205 10.18 -6.00 -19.36
CA ALA B 205 9.05 -5.16 -19.00
C ALA B 205 9.45 -3.69 -19.04
N LEU B 206 10.65 -3.35 -18.55
CA LEU B 206 11.11 -1.97 -18.58
C LEU B 206 11.17 -1.46 -20.02
N TRP B 207 11.84 -2.21 -20.90
CA TRP B 207 11.90 -1.82 -22.31
C TRP B 207 10.52 -1.77 -22.95
N GLU B 208 9.59 -2.58 -22.45
CA GLU B 208 8.22 -2.55 -22.94
C GLU B 208 7.40 -1.40 -22.39
N HIS B 209 7.97 -0.61 -21.46
CA HIS B 209 7.25 0.50 -20.84
C HIS B 209 8.02 1.80 -20.95
N LEU B 210 8.77 1.98 -22.04
CA LEU B 210 9.49 3.24 -22.23
C LEU B 210 8.56 4.44 -22.20
N PRO B 211 7.36 4.41 -22.78
CA PRO B 211 6.46 5.57 -22.65
C PRO B 211 6.09 5.88 -21.20
N ILE B 212 6.24 4.92 -20.30
CA ILE B 212 5.89 5.14 -18.90
C ILE B 212 7.06 5.68 -18.09
N ILE B 213 8.29 5.40 -18.51
CA ILE B 213 9.48 5.87 -17.80
C ILE B 213 9.73 7.32 -18.14
N ASP B 214 9.72 8.19 -17.14
CA ASP B 214 9.87 9.63 -17.35
C ASP B 214 11.33 10.07 -17.41
N VAL B 215 12.21 9.40 -16.67
CA VAL B 215 13.57 9.88 -16.46
C VAL B 215 14.53 8.70 -16.45
N PHE B 216 15.74 8.94 -16.97
CA PHE B 216 16.87 8.05 -16.77
C PHE B 216 17.75 8.62 -15.67
N SER B 217 18.15 7.77 -14.74
CA SER B 217 19.07 8.14 -13.69
C SER B 217 20.30 7.24 -13.74
N ILE B 218 21.37 7.68 -13.11
CA ILE B 218 22.52 6.82 -12.89
C ILE B 218 22.38 6.04 -11.60
N GLY B 219 22.03 6.73 -10.52
CA GLY B 219 21.71 6.08 -9.27
C GLY B 219 22.91 5.45 -8.59
N SER B 220 22.60 4.73 -7.51
CA SER B 220 23.62 4.01 -6.76
C SER B 220 23.94 2.66 -7.36
N LEU B 221 23.21 2.24 -8.39
CA LEU B 221 23.40 0.90 -8.94
C LEU B 221 24.82 0.66 -9.40
N PRO B 222 25.47 1.55 -10.16
CA PRO B 222 26.88 1.28 -10.52
C PRO B 222 27.76 1.05 -9.32
N TYR B 223 27.57 1.82 -8.24
CA TYR B 223 28.40 1.64 -7.05
C TYR B 223 28.06 0.35 -6.33
N GLN B 224 26.77 0.00 -6.25
CA GLN B 224 26.39 -1.29 -5.68
C GLN B 224 27.07 -2.43 -6.42
N LEU B 225 26.98 -2.41 -7.76
CA LEU B 225 27.53 -3.48 -8.57
C LEU B 225 29.05 -3.57 -8.40
N ALA B 226 29.73 -2.42 -8.43
CA ALA B 226 31.18 -2.42 -8.28
C ALA B 226 31.60 -3.03 -6.95
N HIS B 227 30.96 -2.62 -5.86
CA HIS B 227 31.27 -3.18 -4.54
C HIS B 227 31.01 -4.68 -4.51
N PHE B 228 29.88 -5.12 -5.07
CA PHE B 228 29.53 -6.54 -5.04
C PHE B 228 30.59 -7.40 -5.71
N LEU B 229 31.18 -6.91 -6.80
CA LEU B 229 32.16 -7.67 -7.56
C LEU B 229 33.59 -7.38 -7.13
N LYS B 230 33.79 -6.87 -5.92
CA LYS B 230 35.13 -6.63 -5.37
C LYS B 230 36.00 -5.84 -6.34
N LYS B 231 35.49 -4.67 -6.73
CA LYS B 231 36.25 -3.70 -7.50
C LYS B 231 36.54 -2.49 -6.64
N GLU B 232 37.66 -1.82 -6.93
CA GLU B 232 37.99 -0.59 -6.24
C GLU B 232 36.84 0.40 -6.39
N ALA B 233 36.36 0.93 -5.27
CA ALA B 233 35.24 1.87 -5.28
C ALA B 233 35.76 3.23 -5.76
N ASP B 234 35.70 3.45 -7.06
CA ASP B 234 35.95 4.78 -7.62
C ASP B 234 34.64 5.55 -7.58
N VAL B 235 34.69 6.79 -7.10
CA VAL B 235 33.48 7.56 -6.85
C VAL B 235 32.72 7.90 -8.13
N THR B 236 33.32 7.72 -9.30
CA THR B 236 32.74 8.18 -10.55
C THR B 236 32.24 7.04 -11.43
N VAL B 237 32.10 5.83 -10.88
CA VAL B 237 31.61 4.71 -11.67
C VAL B 237 30.24 5.06 -12.27
N GLY B 238 30.04 4.64 -13.53
CA GLY B 238 28.76 4.77 -14.19
C GLY B 238 28.47 6.12 -14.80
N ILE B 239 29.24 7.16 -14.49
CA ILE B 239 28.93 8.49 -14.98
C ILE B 239 29.26 8.62 -16.47
N ALA B 240 30.46 8.18 -16.87
CA ALA B 240 30.93 8.42 -18.23
C ALA B 240 30.33 7.48 -19.27
N ASP B 241 29.82 6.32 -18.86
CA ASP B 241 29.33 5.32 -19.81
C ASP B 241 27.81 5.29 -19.92
N ALA B 242 27.09 6.09 -19.15
CA ALA B 242 25.62 6.05 -19.16
C ALA B 242 25.08 6.57 -20.49
N LEU B 243 25.44 7.80 -20.86
CA LEU B 243 24.93 8.35 -22.11
C LEU B 243 25.41 7.55 -23.32
N PRO B 244 26.68 7.17 -23.44
CA PRO B 244 27.07 6.26 -24.54
C PRO B 244 26.22 5.02 -24.60
N LEU B 245 25.91 4.39 -23.47
CA LEU B 245 25.04 3.22 -23.47
C LEU B 245 23.70 3.53 -24.13
N LEU B 246 23.12 4.69 -23.81
CA LEU B 246 21.83 5.07 -24.41
C LEU B 246 22.00 5.40 -25.88
N LEU B 247 23.03 6.19 -26.21
CA LEU B 247 23.24 6.57 -27.61
C LEU B 247 23.52 5.35 -28.48
N THR B 248 24.12 4.30 -27.91
CA THR B 248 24.29 3.06 -28.66
C THR B 248 22.94 2.45 -28.99
N ALA B 249 22.02 2.43 -28.01
CA ALA B 249 20.68 1.92 -28.26
C ALA B 249 19.94 2.77 -29.27
N VAL B 250 20.26 4.07 -29.36
CA VAL B 250 19.68 4.92 -30.40
C VAL B 250 20.14 4.44 -31.77
N VAL B 251 21.45 4.21 -31.93
CA VAL B 251 21.96 3.72 -33.21
C VAL B 251 21.36 2.36 -33.53
N ASP B 252 21.13 1.54 -32.49
CA ASP B 252 20.55 0.21 -32.68
C ASP B 252 19.04 0.25 -32.94
N GLY B 253 18.43 1.43 -33.02
CA GLY B 253 17.01 1.53 -33.28
C GLY B 253 16.12 1.34 -32.08
N ARG B 254 16.69 1.09 -30.89
CA ARG B 254 15.89 0.84 -29.70
C ARG B 254 15.40 2.12 -29.02
N LEU B 255 16.09 3.24 -29.22
CA LEU B 255 15.71 4.53 -28.66
C LEU B 255 15.83 5.59 -29.75
N THR B 256 15.29 6.77 -29.47
CA THR B 256 15.47 7.93 -30.32
C THR B 256 16.23 9.01 -29.55
N VAL B 257 16.82 9.94 -30.29
CA VAL B 257 17.53 11.05 -29.67
C VAL B 257 16.57 11.89 -28.83
N ASP B 258 15.35 12.09 -29.31
CA ASP B 258 14.39 12.91 -28.57
C ASP B 258 14.03 12.26 -27.25
N TYR B 259 13.86 10.94 -27.23
CA TYR B 259 13.54 10.24 -26.00
C TYR B 259 14.67 10.43 -24.98
N VAL B 260 15.92 10.19 -25.41
CA VAL B 260 17.06 10.35 -24.52
C VAL B 260 17.12 11.77 -23.98
N LYS B 261 16.85 12.75 -24.83
CA LYS B 261 16.92 14.15 -24.41
C LYS B 261 15.86 14.47 -23.38
N THR B 262 14.62 14.03 -23.61
CA THR B 262 13.56 14.30 -22.65
C THR B 262 13.78 13.56 -21.34
N ARG B 263 14.37 12.36 -21.39
CA ARG B 263 14.60 11.58 -20.18
C ARG B 263 15.81 12.06 -19.40
N LEU B 264 16.70 12.83 -20.02
CA LEU B 264 17.89 13.34 -19.34
C LEU B 264 17.91 14.87 -19.28
N HIS B 265 16.82 15.54 -19.64
CA HIS B 265 16.75 16.98 -19.48
C HIS B 265 15.32 17.47 -19.28
N ASP B 266 14.50 17.43 -20.34
CA ASP B 266 13.17 18.03 -20.28
C ASP B 266 12.37 17.49 -19.09
N ASN B 267 12.23 16.16 -19.00
CA ASN B 267 11.40 15.59 -17.95
C ASN B 267 11.99 15.80 -16.56
N PRO B 268 13.26 15.47 -16.30
CA PRO B 268 13.78 15.73 -14.94
C PRO B 268 13.70 17.19 -14.56
N LYS B 269 13.85 18.10 -15.52
CA LYS B 269 13.78 19.53 -15.20
C LYS B 269 12.38 19.92 -14.74
N GLU B 270 11.35 19.47 -15.45
CA GLU B 270 9.99 19.81 -15.08
C GLU B 270 9.62 19.15 -13.75
N ILE B 271 9.97 17.87 -13.58
CA ILE B 271 9.55 17.13 -12.40
C ILE B 271 10.15 17.74 -11.15
N PHE B 272 11.44 18.10 -11.20
CA PHE B 272 12.15 18.59 -10.03
C PHE B 272 12.30 20.11 -10.03
N GLU B 273 11.56 20.82 -10.88
CA GLU B 273 11.54 22.28 -10.89
C GLU B 273 12.94 22.86 -10.84
N LEU B 274 13.80 22.36 -11.74
CA LEU B 274 15.21 22.71 -11.70
C LEU B 274 15.48 24.03 -12.44
N HIS B 275 16.56 24.68 -12.04
CA HIS B 275 16.90 26.00 -12.53
C HIS B 275 17.32 25.93 -13.99
N ASP B 276 16.91 26.94 -14.76
CA ASP B 276 17.38 27.05 -16.14
C ASP B 276 18.90 27.23 -16.16
N GLN B 277 19.51 26.81 -17.28
CA GLN B 277 20.97 26.94 -17.47
C GLN B 277 21.20 27.42 -18.90
N VAL B 278 21.03 28.73 -19.10
CA VAL B 278 21.31 29.32 -20.40
C VAL B 278 22.78 29.11 -20.72
N GLY B 279 23.07 28.77 -21.98
CA GLY B 279 24.44 28.58 -22.42
C GLY B 279 24.99 27.19 -22.24
N ALA B 280 24.34 26.33 -21.45
CA ALA B 280 24.84 24.98 -21.21
C ALA B 280 24.45 24.06 -22.35
N THR B 281 25.44 23.40 -22.96
CA THR B 281 25.19 22.57 -24.13
C THR B 281 26.16 21.40 -24.17
N VAL B 282 25.81 20.41 -24.98
CA VAL B 282 26.64 19.22 -25.19
C VAL B 282 26.62 18.88 -26.67
N GLU B 283 27.81 18.80 -27.28
CA GLU B 283 27.96 18.36 -28.66
C GLU B 283 28.35 16.90 -28.66
N ILE B 284 27.65 16.11 -29.47
CA ILE B 284 27.85 14.67 -29.50
C ILE B 284 28.00 14.21 -30.94
N GLU B 285 28.99 13.34 -31.18
CA GLU B 285 29.12 12.61 -32.43
C GLU B 285 28.41 11.27 -32.25
N LEU B 286 27.17 11.19 -32.70
CA LEU B 286 26.31 10.06 -32.38
C LEU B 286 26.85 8.75 -32.92
N ASP B 287 27.43 8.78 -34.12
CA ASP B 287 27.86 7.56 -34.80
C ASP B 287 29.31 7.19 -34.54
N ARG B 288 30.05 8.00 -33.79
CA ARG B 288 31.45 7.68 -33.53
C ARG B 288 31.54 6.52 -32.54
N ALA B 289 32.27 5.48 -32.93
CA ALA B 289 32.49 4.32 -32.08
C ALA B 289 33.74 4.51 -31.23
N PHE B 290 33.81 3.75 -30.14
CA PHE B 290 34.94 3.82 -29.23
C PHE B 290 34.87 2.63 -28.29
N ALA B 291 35.99 2.32 -27.66
CA ALA B 291 36.10 1.19 -26.75
C ALA B 291 36.11 1.69 -25.32
N VAL B 292 35.24 1.11 -24.49
CA VAL B 292 35.15 1.48 -23.09
C VAL B 292 36.48 1.17 -22.41
N PRO B 293 37.14 2.14 -21.78
CA PRO B 293 38.44 1.87 -21.16
C PRO B 293 38.41 0.64 -20.26
N THR B 294 39.51 -0.11 -20.28
CA THR B 294 39.77 -1.12 -19.26
C THR B 294 40.64 -0.59 -18.14
N GLU B 295 41.24 0.58 -18.33
CA GLU B 295 42.01 1.26 -17.29
C GLU B 295 41.08 2.21 -16.53
N GLY B 296 41.67 3.02 -15.65
CA GLY B 296 40.92 4.07 -14.99
C GLY B 296 39.70 3.55 -14.28
N VAL B 297 38.60 4.31 -14.38
CA VAL B 297 37.38 3.99 -13.68
C VAL B 297 36.81 2.68 -14.21
N TRP B 298 36.39 1.82 -13.29
CA TRP B 298 35.85 0.51 -13.68
C TRP B 298 34.49 0.67 -14.38
N SER B 299 34.17 -0.32 -15.21
CA SER B 299 32.92 -0.33 -15.93
C SER B 299 32.57 -1.79 -16.22
N PRO B 300 31.32 -2.20 -16.00
CA PRO B 300 30.92 -3.56 -16.41
C PRO B 300 30.89 -3.75 -17.92
N PHE B 301 31.13 -2.69 -18.69
CA PHE B 301 31.17 -2.76 -20.15
C PHE B 301 32.58 -2.52 -20.68
N ALA B 302 33.60 -2.66 -19.83
CA ALA B 302 34.98 -2.47 -20.25
C ALA B 302 35.30 -3.37 -21.43
N GLY B 303 36.02 -2.81 -22.40
CA GLY B 303 36.42 -3.57 -23.56
C GLY B 303 35.37 -3.58 -24.66
N LYS B 304 34.09 -3.55 -24.28
CA LYS B 304 33.03 -3.44 -25.26
C LYS B 304 33.13 -2.09 -25.95
N VAL B 305 32.76 -2.06 -27.23
CA VAL B 305 32.84 -0.86 -28.05
C VAL B 305 31.44 -0.28 -28.19
N LEU B 306 31.27 0.95 -27.73
CA LEU B 306 29.99 1.64 -27.77
C LEU B 306 30.05 2.77 -28.78
N LYS B 307 28.88 3.31 -29.09
CA LYS B 307 28.74 4.44 -30.00
C LYS B 307 28.18 5.64 -29.24
N GLY B 308 28.66 6.82 -29.61
CA GLY B 308 28.30 8.04 -28.91
C GLY B 308 29.46 8.61 -28.11
N VAL B 309 30.05 9.69 -28.59
CA VAL B 309 31.21 10.31 -27.95
C VAL B 309 30.89 11.78 -27.75
N VAL B 310 30.92 12.23 -26.48
CA VAL B 310 30.78 13.64 -26.19
C VAL B 310 32.02 14.37 -26.71
N GLN B 311 31.81 15.36 -27.56
CA GLN B 311 32.90 16.15 -28.12
C GLN B 311 33.12 17.46 -27.38
N ARG B 312 32.06 18.18 -27.03
CA ARG B 312 32.19 19.51 -26.45
C ARG B 312 31.12 19.71 -25.38
N VAL B 313 31.52 20.28 -24.25
CA VAL B 313 30.62 20.64 -23.18
C VAL B 313 30.86 22.08 -22.81
N THR B 314 29.80 22.88 -22.76
CA THR B 314 29.88 24.28 -22.37
C THR B 314 29.01 24.51 -21.15
N PHE B 315 29.56 25.20 -20.16
CA PHE B 315 28.85 25.52 -18.93
C PHE B 315 29.08 26.99 -18.61
N GLN B 316 28.00 27.74 -18.46
CA GLN B 316 28.09 29.18 -18.32
C GLN B 316 28.99 29.75 -19.41
N ASP B 317 30.19 30.21 -19.04
CA ASP B 317 31.10 30.84 -19.99
C ASP B 317 32.40 30.06 -20.11
N GLN B 318 32.36 28.75 -19.87
CA GLN B 318 33.54 27.91 -19.97
C GLN B 318 33.25 26.72 -20.89
N VAL B 319 34.28 25.90 -21.09
CA VAL B 319 34.21 24.74 -21.98
C VAL B 319 34.90 23.59 -21.25
N ALA B 320 34.11 22.63 -20.76
CA ALA B 320 34.63 21.56 -19.93
C ALA B 320 35.06 20.34 -20.72
N CYS B 321 34.75 20.27 -22.01
CA CYS B 321 35.17 19.17 -22.87
C CYS B 321 35.45 19.75 -24.25
N LEU B 322 36.53 19.29 -24.88
CA LEU B 322 36.92 19.83 -26.17
C LEU B 322 37.70 18.76 -26.93
N ASP B 323 37.38 18.61 -28.22
CA ASP B 323 37.95 17.55 -29.06
C ASP B 323 37.75 16.19 -28.42
N GLY B 324 36.62 16.02 -27.74
CA GLY B 324 36.26 14.72 -27.18
C GLY B 324 37.01 14.35 -25.92
N VAL B 325 37.64 15.30 -25.25
CA VAL B 325 38.39 15.02 -24.03
C VAL B 325 38.18 16.15 -23.03
N PHE B 326 38.11 15.79 -21.75
CA PHE B 326 37.91 16.76 -20.69
C PHE B 326 39.05 17.78 -20.66
N GLN B 327 38.69 19.05 -20.54
CA GLN B 327 39.65 20.13 -20.41
C GLN B 327 39.57 20.69 -19.00
N PRO B 328 40.67 20.74 -18.24
CA PRO B 328 40.60 21.30 -16.88
C PRO B 328 40.05 22.73 -16.88
N ILE B 329 39.24 23.03 -15.88
CA ILE B 329 38.62 24.35 -15.73
C ILE B 329 38.43 24.64 -14.24
N PRO B 330 38.13 25.87 -13.86
CA PRO B 330 37.84 26.17 -12.46
C PRO B 330 36.38 25.96 -12.14
N PRO B 331 36.03 25.62 -10.89
CA PRO B 331 34.62 25.34 -10.56
C PRO B 331 33.80 26.61 -10.47
N LYS B 332 32.68 26.66 -11.20
CA LYS B 332 31.73 27.76 -11.08
C LYS B 332 30.32 27.27 -10.79
N GLY B 333 30.15 26.00 -10.44
CA GLY B 333 28.84 25.50 -10.06
C GLY B 333 28.36 26.10 -8.75
N ALA B 334 27.10 25.80 -8.43
CA ALA B 334 26.49 26.36 -7.22
C ALA B 334 25.43 25.40 -6.70
N ASP B 335 25.11 25.57 -5.41
CA ASP B 335 24.02 24.84 -4.75
C ASP B 335 22.72 25.53 -5.13
N MET B 336 21.95 24.90 -6.01
CA MET B 336 20.77 25.55 -6.56
C MET B 336 19.66 25.75 -5.52
N SER B 337 19.73 25.04 -4.39
CA SER B 337 18.68 25.20 -3.38
C SER B 337 18.67 26.60 -2.80
N THR B 338 19.83 27.26 -2.72
CA THR B 338 19.97 28.54 -2.02
C THR B 338 20.40 29.67 -2.94
N TYR B 339 20.15 29.55 -4.25
CA TYR B 339 20.77 30.41 -5.25
C TYR B 339 19.71 31.18 -6.02
N GLY B 340 19.55 32.48 -5.73
CA GLY B 340 19.12 33.44 -6.72
C GLY B 340 17.76 34.11 -6.51
N ALA B 341 16.93 33.67 -5.56
CA ALA B 341 15.57 34.19 -5.53
C ALA B 341 14.94 34.01 -4.16
N LEU B 342 13.76 34.60 -4.00
CA LEU B 342 13.06 34.72 -2.73
C LEU B 342 12.99 33.40 -1.96
#